data_4MCP
#
_entry.id   4MCP
#
_cell.length_a   101.533
_cell.length_b   130.176
_cell.length_c   158.809
_cell.angle_alpha   90.00
_cell.angle_beta   90.00
_cell.angle_gamma   90.00
#
_symmetry.space_group_name_H-M   'I 2 2 2'
#
loop_
_entity.id
_entity.type
_entity.pdbx_description
1 polymer 'Glutamate carboxypeptidase 2'
2 branched 2-acetamido-2-deoxy-beta-D-glucopyranose-(1-4)-2-acetamido-2-deoxy-beta-D-glucopyranose
3 branched alpha-D-mannopyranose-(1-3)-beta-D-mannopyranose-(1-4)-2-acetamido-2-deoxy-beta-D-glucopyranose-(1-4)-2-acetamido-2-deoxy-beta-D-glucopyranose
4 non-polymer 'ZINC ION'
5 non-polymer 'CALCIUM ION'
6 non-polymer 'CHLORIDE ION'
7 non-polymer 2-acetamido-2-deoxy-beta-D-glucopyranose
8 non-polymer 'N-(4-{[(2-amino-4-oxo-3,4-dihydropteridin-6-yl)methyl]amino}benzoyl)-L-gamma-glutamyl-L-glutamic acid'
9 water water
#
_entity_poly.entity_id   1
_entity_poly.type   'polypeptide(L)'
_entity_poly.pdbx_seq_one_letter_code
;MKLCILLAVVAFVGLSLGRSGLNDIFEAQKIEWHEGSGSGSENLYFQGRSKSSNEATNITPKHNMKAFLDELKAENIKKF
LYNFTQIPHLAGTEQNFQLAKQIQSQWKEFGLDSVELAHYDVLLSYPNKTHPNYISIINEDGNEIFNTSLFEPPPPGYEN
VSDIVPPFSAFSPQGMPEGDLVYVNYARTEDFFKLERDMKINCSGKIVIARYGKVFRGNKVKNAQLAGAKGVILYSDPAD
YFAPGVKSYPDGWNLPGGGVQRGNILNLNGAGDPLTPGYPANEYAYRRGIAEAVGLPSIPVHPIGYYDAQKLLEKMGGSA
PPDSSWRGSLKVPYNVGPGFTGNFSTQKVKMHIHSTNEVTRIYNVIGTLRGAVEPDRYVILGGHRDSWVFGGIDPQSGAA
VVHEIVRSFGTLKKEGWRPRRTILFASWDAAEFGLLGSTEWAEENSRLLQERGVAYINADSSIEGNYTLRVDCTPLMYSL
VHNLTKELKSPDEGFEGKSLYESWTKKSPSPEFSGMPRISKLGSGNDFEVFFQRLGIASGRARYTKNWETNKFSGYPLYH
SVYETYELVEKFYDPMFKYHLTVAQVRGGMVFELANSIVLPFDCRDYAVVLRKYADKIYSISMKHPQEMKTYSVSFDSLF
SAVKNFTEIASKFSERLQDFDKSNPIVLRMMNDQLMFLERAFIDPLGLPDRPFYRHVIYAPSSHNKYAGESFPGIYDALF
DIESKVDPSKAWGEVKRQIYVAAFTVQAAAETLSEVA
;
_entity_poly.pdbx_strand_id   A
#
loop_
_chem_comp.id
_chem_comp.type
_chem_comp.name
_chem_comp.formula
28Z non-polymer 'N-(4-{[(2-amino-4-oxo-3,4-dihydropteridin-6-yl)methyl]amino}benzoyl)-L-gamma-glutamyl-L-glutamic acid' 'C24 H26 N8 O9'
BMA D-saccharide, beta linking beta-D-mannopyranose 'C6 H12 O6'
CA non-polymer 'CALCIUM ION' 'Ca 2'
CL non-polymer 'CHLORIDE ION' 'Cl -1'
MAN D-saccharide, alpha linking alpha-D-mannopyranose 'C6 H12 O6'
NAG D-saccharide, beta linking 2-acetamido-2-deoxy-beta-D-glucopyranose 'C8 H15 N O6'
ZN non-polymer 'ZINC ION' 'Zn 2'
#
# COMPACT_ATOMS: atom_id res chain seq x y z
N HIS A 63 -4.18 -3.73 35.26
CA HIS A 63 -4.49 -3.41 33.83
C HIS A 63 -3.51 -2.40 33.26
N ASN A 64 -2.49 -2.90 32.57
CA ASN A 64 -1.45 -2.08 31.97
C ASN A 64 -1.10 -2.74 30.64
N MET A 65 -0.09 -2.22 29.95
CA MET A 65 0.18 -2.78 28.63
C MET A 65 0.58 -4.24 28.73
N LYS A 66 1.33 -4.61 29.77
CA LYS A 66 1.74 -6.00 29.92
C LYS A 66 0.53 -6.95 30.00
N ALA A 67 -0.54 -6.51 30.68
CA ALA A 67 -1.75 -7.33 30.79
C ALA A 67 -2.35 -7.52 29.40
N PHE A 68 -2.44 -6.42 28.66
CA PHE A 68 -2.96 -6.48 27.31
C PHE A 68 -2.14 -7.44 26.43
N LEU A 69 -0.82 -7.25 26.44
CA LEU A 69 0.06 -8.06 25.62
C LEU A 69 0.03 -9.54 25.98
N ASP A 70 -0.02 -9.82 27.29
CA ASP A 70 0.04 -11.22 27.74
C ASP A 70 -1.20 -12.01 27.32
N GLU A 71 -2.31 -11.30 27.12
CA GLU A 71 -3.58 -11.92 26.79
C GLU A 71 -3.63 -12.39 25.34
N LEU A 72 -2.87 -11.74 24.45
CA LEU A 72 -2.73 -12.18 23.05
C LEU A 72 -2.15 -13.61 22.96
N LYS A 73 -2.76 -14.45 22.13
CA LYS A 73 -2.31 -15.85 22.00
C LYS A 73 -2.10 -16.24 20.55
N ALA A 74 -0.96 -16.85 20.26
CA ALA A 74 -0.66 -17.39 18.93
C ALA A 74 -1.74 -18.35 18.47
N GLU A 75 -2.21 -19.19 19.38
CA GLU A 75 -3.19 -20.21 19.00
C GLU A 75 -4.52 -19.61 18.55
N ASN A 76 -4.89 -18.48 19.15
CA ASN A 76 -6.10 -17.77 18.73
C ASN A 76 -5.97 -17.19 17.34
N ILE A 77 -4.82 -16.59 17.06
CA ILE A 77 -4.56 -16.00 15.74
C ILE A 77 -4.65 -17.12 14.68
N LYS A 78 -4.08 -18.28 15.02
CA LYS A 78 -4.13 -19.46 14.14
C LYS A 78 -5.58 -19.88 13.86
N LYS A 79 -6.40 -20.03 14.90
CA LYS A 79 -7.79 -20.39 14.75
C LYS A 79 -8.57 -19.37 13.90
N PHE A 80 -8.31 -18.09 14.12
CA PHE A 80 -8.98 -17.05 13.34
C PHE A 80 -8.55 -17.09 11.88
N LEU A 81 -7.25 -17.25 11.64
CA LEU A 81 -6.78 -17.33 10.26
C LEU A 81 -7.43 -18.48 9.53
N TYR A 82 -7.46 -19.68 10.16
CA TYR A 82 -8.14 -20.80 9.54
C TYR A 82 -9.61 -20.44 9.22
N ASN A 83 -10.28 -19.82 10.19
CA ASN A 83 -11.69 -19.49 10.05
C ASN A 83 -11.97 -18.49 8.91
N PHE A 84 -11.02 -17.62 8.65
CA PHE A 84 -11.20 -16.54 7.67
C PHE A 84 -10.81 -16.92 6.23
N THR A 85 -10.27 -18.13 6.02
CA THR A 85 -9.62 -18.44 4.76
C THR A 85 -10.15 -19.72 4.08
N GLN A 86 -11.30 -20.22 4.51
CA GLN A 86 -11.83 -21.49 3.97
C GLN A 86 -12.55 -21.30 2.63
N ILE A 87 -13.07 -20.09 2.42
CA ILE A 87 -13.79 -19.77 1.18
C ILE A 87 -13.30 -18.40 0.71
N PRO A 88 -13.51 -18.07 -0.59
CA PRO A 88 -13.12 -16.73 -1.04
C PRO A 88 -13.98 -15.64 -0.40
N HIS A 89 -13.38 -14.46 -0.18
CA HIS A 89 -14.14 -13.32 0.34
C HIS A 89 -13.94 -12.10 -0.56
N LEU A 90 -14.30 -12.26 -1.83
CA LEU A 90 -14.12 -11.18 -2.82
C LEU A 90 -15.06 -10.01 -2.50
N ALA A 91 -14.54 -8.77 -2.58
CA ALA A 91 -15.39 -7.61 -2.32
C ALA A 91 -16.67 -7.64 -3.17
N GLY A 92 -17.78 -7.30 -2.51
CA GLY A 92 -19.08 -7.18 -3.17
C GLY A 92 -19.80 -8.50 -3.30
N THR A 93 -19.20 -9.60 -2.82
CA THR A 93 -19.88 -10.90 -2.88
C THR A 93 -20.63 -11.24 -1.58
N GLU A 94 -21.59 -12.16 -1.67
CA GLU A 94 -22.34 -12.57 -0.50
C GLU A 94 -21.44 -13.15 0.62
N GLN A 95 -20.42 -13.92 0.23
CA GLN A 95 -19.51 -14.52 1.19
CA GLN A 95 -19.49 -14.52 1.19
C GLN A 95 -18.80 -13.46 2.04
N ASN A 96 -18.45 -12.33 1.42
CA ASN A 96 -17.77 -11.29 2.16
C ASN A 96 -18.71 -10.47 3.07
N PHE A 97 -19.98 -10.35 2.66
CA PHE A 97 -21.02 -9.77 3.52
C PHE A 97 -21.24 -10.70 4.73
N GLN A 98 -21.31 -12.01 4.49
N GLN A 98 -21.31 -12.00 4.45
CA GLN A 98 -21.47 -12.91 5.64
CA GLN A 98 -21.41 -13.01 5.52
C GLN A 98 -20.28 -12.86 6.60
C GLN A 98 -20.30 -12.87 6.55
N LEU A 99 -19.06 -12.73 6.08
CA LEU A 99 -17.93 -12.59 6.96
C LEU A 99 -18.01 -11.27 7.76
N ALA A 100 -18.44 -10.19 7.10
CA ALA A 100 -18.63 -8.92 7.83
C ALA A 100 -19.59 -9.07 9.02
N LYS A 101 -20.70 -9.76 8.78
N LYS A 101 -20.71 -9.74 8.77
CA LYS A 101 -21.69 -9.99 9.82
CA LYS A 101 -21.71 -9.99 9.83
C LYS A 101 -21.14 -10.85 10.95
C LYS A 101 -21.12 -10.84 10.97
N GLN A 102 -20.32 -11.84 10.60
CA GLN A 102 -19.65 -12.68 11.60
C GLN A 102 -18.70 -11.85 12.48
N ILE A 103 -17.88 -11.01 11.84
CA ILE A 103 -16.92 -10.17 12.57
C ILE A 103 -17.68 -9.20 13.47
N GLN A 104 -18.73 -8.60 12.93
CA GLN A 104 -19.55 -7.69 13.75
C GLN A 104 -20.05 -8.40 15.02
N SER A 105 -20.61 -9.60 14.84
CA SER A 105 -21.14 -10.36 15.98
C SER A 105 -20.04 -10.68 16.99
N GLN A 106 -18.89 -11.12 16.49
CA GLN A 106 -17.80 -11.50 17.39
C GLN A 106 -17.24 -10.30 18.12
N TRP A 107 -17.03 -9.17 17.42
CA TRP A 107 -16.55 -7.98 18.11
C TRP A 107 -17.48 -7.52 19.23
N LYS A 108 -18.80 -7.66 19.02
CA LYS A 108 -19.78 -7.40 20.10
C LYS A 108 -19.57 -8.36 21.28
N GLU A 109 -19.48 -9.65 20.98
N GLU A 109 -19.45 -9.65 21.00
CA GLU A 109 -19.23 -10.70 21.97
CA GLU A 109 -19.26 -10.64 22.06
C GLU A 109 -17.97 -10.35 22.76
C GLU A 109 -17.91 -10.48 22.76
N PHE A 110 -16.93 -9.94 22.04
CA PHE A 110 -15.61 -9.68 22.61
C PHE A 110 -15.63 -8.51 23.60
N GLY A 111 -16.65 -7.66 23.51
CA GLY A 111 -16.90 -6.63 24.50
C GLY A 111 -16.89 -5.19 24.02
N LEU A 112 -16.83 -4.96 22.71
CA LEU A 112 -16.82 -3.55 22.24
C LEU A 112 -18.13 -2.86 22.55
N ASP A 113 -18.09 -1.54 22.74
CA ASP A 113 -19.28 -0.78 23.11
C ASP A 113 -20.33 -0.71 22.01
N SER A 114 -19.88 -0.56 20.77
CA SER A 114 -20.78 -0.56 19.62
C SER A 114 -20.04 -1.18 18.45
N VAL A 115 -20.75 -1.90 17.59
CA VAL A 115 -20.12 -2.44 16.38
C VAL A 115 -21.17 -2.33 15.29
N GLU A 116 -20.88 -1.51 14.29
N GLU A 116 -20.88 -1.50 14.28
CA GLU A 116 -21.84 -1.29 13.22
CA GLU A 116 -21.83 -1.15 13.22
C GLU A 116 -21.24 -1.66 11.88
C GLU A 116 -21.26 -1.43 11.83
N LEU A 117 -22.11 -1.88 10.90
CA LEU A 117 -21.68 -1.96 9.51
C LEU A 117 -21.90 -0.60 8.86
N ALA A 118 -20.93 -0.13 8.09
CA ALA A 118 -21.04 1.10 7.32
C ALA A 118 -20.96 0.64 5.88
N HIS A 119 -22.04 0.82 5.12
CA HIS A 119 -22.06 0.31 3.73
C HIS A 119 -22.03 1.47 2.73
N TYR A 120 -21.51 1.19 1.54
CA TYR A 120 -21.40 2.16 0.43
C TYR A 120 -21.66 1.41 -0.84
N ASP A 121 -22.08 2.12 -1.88
CA ASP A 121 -22.28 1.50 -3.20
C ASP A 121 -21.24 2.08 -4.12
N VAL A 122 -20.25 1.25 -4.48
CA VAL A 122 -19.03 1.73 -5.20
C VAL A 122 -18.81 0.98 -6.49
N LEU A 123 -18.02 1.58 -7.40
CA LEU A 123 -17.72 0.88 -8.65
C LEU A 123 -16.74 -0.27 -8.39
N LEU A 124 -17.15 -1.50 -8.71
CA LEU A 124 -16.26 -2.68 -8.67
C LEU A 124 -16.16 -3.25 -10.09
N SER A 125 -15.40 -4.33 -10.25
CA SER A 125 -15.14 -4.88 -11.59
C SER A 125 -15.01 -6.39 -11.47
N TYR A 126 -15.66 -7.10 -12.39
CA TYR A 126 -15.64 -8.55 -12.35
C TYR A 126 -15.57 -9.14 -13.75
N PRO A 127 -14.94 -10.30 -13.88
CA PRO A 127 -15.04 -10.98 -15.18
C PRO A 127 -16.46 -11.41 -15.48
N ASN A 128 -16.72 -11.64 -16.76
CA ASN A 128 -17.99 -12.20 -17.19
C ASN A 128 -17.88 -13.73 -17.09
N LYS A 129 -18.73 -14.31 -16.24
N LYS A 129 -18.69 -14.33 -16.22
CA LYS A 129 -18.72 -15.76 -15.93
CA LYS A 129 -18.63 -15.79 -15.97
C LYS A 129 -18.99 -16.65 -17.14
C LYS A 129 -18.85 -16.62 -17.23
N THR A 130 -19.68 -16.11 -18.14
CA THR A 130 -20.00 -16.88 -19.35
C THR A 130 -19.25 -16.45 -20.64
N HIS A 131 -18.30 -15.56 -20.50
CA HIS A 131 -17.54 -15.03 -21.62
C HIS A 131 -16.13 -14.73 -21.10
N PRO A 132 -15.31 -15.78 -20.89
CA PRO A 132 -14.03 -15.61 -20.16
C PRO A 132 -12.96 -14.81 -20.88
N ASN A 133 -12.12 -14.15 -20.10
CA ASN A 133 -10.98 -13.39 -20.60
C ASN A 133 -9.84 -14.32 -20.96
N TYR A 134 -9.16 -14.05 -22.08
CA TYR A 134 -7.96 -14.82 -22.45
C TYR A 134 -7.22 -14.07 -23.55
N ILE A 135 -5.99 -14.52 -23.81
CA ILE A 135 -5.15 -13.95 -24.85
C ILE A 135 -4.79 -15.08 -25.80
N SER A 136 -4.72 -14.74 -27.09
CA SER A 136 -4.34 -15.71 -28.13
C SER A 136 -3.14 -15.24 -28.90
N ILE A 137 -2.42 -16.21 -29.50
CA ILE A 137 -1.63 -15.93 -30.68
C ILE A 137 -2.52 -16.40 -31.82
N ILE A 138 -2.68 -15.52 -32.79
CA ILE A 138 -3.57 -15.76 -33.91
C ILE A 138 -2.72 -15.79 -35.20
N ASN A 139 -3.00 -16.72 -36.11
CA ASN A 139 -2.28 -16.70 -37.41
C ASN A 139 -2.93 -15.76 -38.43
N GLU A 140 -2.35 -15.67 -39.63
CA GLU A 140 -2.84 -14.73 -40.66
C GLU A 140 -4.24 -15.07 -41.20
N ASP A 141 -4.68 -16.32 -41.00
CA ASP A 141 -6.03 -16.75 -41.35
C ASP A 141 -7.06 -16.38 -40.27
N GLY A 142 -6.58 -15.99 -39.09
CA GLY A 142 -7.46 -15.70 -37.97
C GLY A 142 -7.71 -16.89 -37.05
N ASN A 143 -6.89 -17.94 -37.20
N ASN A 143 -6.88 -17.94 -37.18
CA ASN A 143 -6.95 -19.09 -36.31
CA ASN A 143 -6.95 -19.11 -36.31
C ASN A 143 -6.16 -18.81 -35.03
C ASN A 143 -6.14 -18.89 -35.04
N GLU A 144 -6.80 -19.05 -33.89
CA GLU A 144 -6.14 -18.86 -32.59
C GLU A 144 -5.37 -20.12 -32.25
N ILE A 145 -4.05 -20.06 -32.42
CA ILE A 145 -3.18 -21.25 -32.33
C ILE A 145 -2.61 -21.50 -30.94
N PHE A 146 -2.76 -20.51 -30.05
CA PHE A 146 -2.37 -20.69 -28.67
C PHE A 146 -3.30 -19.81 -27.85
N ASN A 147 -3.84 -20.36 -26.75
CA ASN A 147 -4.66 -19.59 -25.82
C ASN A 147 -4.10 -19.63 -24.43
N THR A 148 -4.11 -18.50 -23.72
CA THR A 148 -3.70 -18.49 -22.33
C THR A 148 -4.77 -19.18 -21.47
N SER A 149 -4.41 -19.55 -20.24
CA SER A 149 -5.29 -20.31 -19.35
C SER A 149 -6.57 -19.55 -18.96
N LEU A 150 -7.65 -20.29 -18.70
CA LEU A 150 -8.89 -19.66 -18.26
C LEU A 150 -8.99 -19.56 -16.74
N PHE A 151 -8.07 -20.24 -16.05
CA PHE A 151 -8.04 -20.26 -14.57
C PHE A 151 -6.72 -20.85 -14.07
N GLU A 152 -6.39 -20.58 -12.81
CA GLU A 152 -5.20 -21.20 -12.18
C GLU A 152 -5.59 -22.60 -11.70
N PRO A 153 -4.72 -23.60 -11.94
CA PRO A 153 -5.02 -24.93 -11.38
C PRO A 153 -5.21 -24.81 -9.86
N PRO A 154 -6.40 -25.19 -9.33
CA PRO A 154 -6.62 -24.95 -7.92
C PRO A 154 -5.76 -25.84 -7.02
N PRO A 155 -5.42 -25.36 -5.81
CA PRO A 155 -4.50 -26.16 -5.01
C PRO A 155 -5.17 -27.41 -4.42
N PRO A 156 -4.36 -28.35 -3.91
CA PRO A 156 -4.89 -29.63 -3.39
C PRO A 156 -6.04 -29.46 -2.37
N GLY A 157 -7.15 -30.13 -2.63
CA GLY A 157 -8.27 -30.07 -1.70
C GLY A 157 -9.23 -28.90 -1.92
N TYR A 158 -8.87 -28.02 -2.86
CA TYR A 158 -9.69 -26.86 -3.26
C TYR A 158 -10.14 -26.90 -4.72
N GLU A 159 -9.94 -28.04 -5.39
N GLU A 159 -9.93 -28.04 -5.39
CA GLU A 159 -10.32 -28.18 -6.78
CA GLU A 159 -10.36 -28.24 -6.77
C GLU A 159 -11.86 -28.19 -6.97
C GLU A 159 -11.86 -28.06 -6.94
N ASN A 160 -12.61 -28.26 -5.86
CA ASN A 160 -14.10 -28.18 -5.89
C ASN A 160 -14.64 -26.93 -5.20
N VAL A 161 -13.74 -26.02 -4.81
CA VAL A 161 -14.19 -24.77 -4.23
C VAL A 161 -14.83 -23.94 -5.37
N SER A 162 -16.01 -23.41 -5.09
CA SER A 162 -16.72 -22.63 -6.07
C SER A 162 -16.35 -21.15 -5.90
N ASP A 163 -16.62 -20.38 -6.95
CA ASP A 163 -16.56 -18.94 -6.84
C ASP A 163 -15.13 -18.45 -6.66
N ILE A 164 -14.13 -19.18 -7.15
CA ILE A 164 -12.79 -18.60 -7.25
C ILE A 164 -12.77 -17.69 -8.48
N VAL A 165 -12.54 -16.39 -8.29
CA VAL A 165 -12.54 -15.49 -9.44
C VAL A 165 -11.31 -15.79 -10.29
N PRO A 166 -11.48 -15.99 -11.61
CA PRO A 166 -10.27 -16.27 -12.40
C PRO A 166 -9.39 -15.04 -12.46
N PRO A 167 -8.10 -15.22 -12.80
CA PRO A 167 -7.21 -14.06 -12.91
C PRO A 167 -7.74 -13.02 -13.90
N PHE A 168 -7.68 -11.76 -13.49
CA PHE A 168 -8.09 -10.63 -14.33
C PHE A 168 -7.51 -9.37 -13.74
N SER A 169 -7.47 -8.33 -14.56
CA SER A 169 -7.04 -7.01 -14.08
C SER A 169 -8.28 -6.17 -13.83
N ALA A 170 -8.57 -5.89 -12.56
CA ALA A 170 -9.82 -5.19 -12.21
C ALA A 170 -9.79 -3.79 -12.79
N PHE A 171 -10.92 -3.47 -13.42
CA PHE A 171 -11.27 -2.19 -14.05
C PHE A 171 -10.77 -2.08 -15.49
N SER A 172 -10.20 -3.14 -16.02
CA SER A 172 -9.89 -3.14 -17.46
C SER A 172 -11.16 -2.85 -18.26
N PRO A 173 -11.05 -2.01 -19.31
CA PRO A 173 -12.20 -1.93 -20.21
C PRO A 173 -12.28 -3.19 -21.06
N GLN A 174 -13.41 -3.33 -21.74
CA GLN A 174 -13.60 -4.43 -22.69
C GLN A 174 -12.91 -4.13 -24.00
N GLY A 175 -12.52 -5.19 -24.71
CA GLY A 175 -11.95 -5.01 -26.03
C GLY A 175 -11.38 -6.31 -26.53
N MET A 176 -11.17 -6.37 -27.84
CA MET A 176 -10.47 -7.51 -28.44
C MET A 176 -9.34 -7.00 -29.35
N PRO A 177 -8.42 -6.18 -28.82
CA PRO A 177 -7.33 -5.62 -29.63
C PRO A 177 -6.39 -6.72 -30.19
N GLU A 178 -6.00 -6.57 -31.45
N GLU A 178 -5.95 -6.58 -31.43
CA GLU A 178 -5.03 -7.47 -32.10
CA GLU A 178 -5.03 -7.54 -32.05
C GLU A 178 -3.84 -6.64 -32.50
C GLU A 178 -3.87 -6.83 -32.71
N GLY A 179 -2.64 -7.18 -32.31
CA GLY A 179 -1.46 -6.49 -32.79
C GLY A 179 -0.15 -7.17 -32.51
N ASP A 180 0.92 -6.42 -32.75
CA ASP A 180 2.28 -6.90 -32.51
C ASP A 180 2.70 -6.52 -31.10
N LEU A 181 3.41 -7.45 -30.46
CA LEU A 181 3.93 -7.26 -29.11
C LEU A 181 5.19 -6.41 -29.06
N VAL A 182 5.27 -5.56 -28.04
CA VAL A 182 6.53 -4.94 -27.64
C VAL A 182 6.74 -5.31 -26.18
N TYR A 183 7.94 -5.79 -25.86
CA TYR A 183 8.29 -6.11 -24.48
C TYR A 183 8.90 -4.87 -23.82
N VAL A 184 8.34 -4.46 -22.67
CA VAL A 184 8.69 -3.17 -22.05
C VAL A 184 9.32 -3.32 -20.66
N ASN A 185 9.90 -4.48 -20.39
CA ASN A 185 10.54 -4.76 -19.11
C ASN A 185 9.48 -4.58 -18.01
N TYR A 186 9.77 -3.76 -17.00
CA TYR A 186 8.79 -3.54 -15.91
C TYR A 186 7.77 -2.44 -16.19
N ALA A 187 7.82 -1.86 -17.40
CA ALA A 187 6.89 -0.77 -17.78
C ALA A 187 7.01 0.45 -16.85
N ARG A 188 8.21 0.64 -16.29
CA ARG A 188 8.50 1.83 -15.49
C ARG A 188 8.71 3.06 -16.39
N THR A 189 8.62 4.24 -15.78
CA THR A 189 8.91 5.46 -16.53
C THR A 189 10.26 5.36 -17.28
N GLU A 190 11.29 4.86 -16.60
CA GLU A 190 12.62 4.81 -17.19
C GLU A 190 12.72 3.72 -18.26
N ASP A 191 11.85 2.71 -18.16
CA ASP A 191 11.82 1.65 -19.20
C ASP A 191 11.28 2.23 -20.51
N PHE A 192 10.24 3.06 -20.39
N PHE A 192 10.24 3.06 -20.40
CA PHE A 192 9.67 3.72 -21.55
CA PHE A 192 9.68 3.72 -21.56
C PHE A 192 10.60 4.81 -22.09
C PHE A 192 10.62 4.80 -22.09
N PHE A 193 11.33 5.50 -21.20
CA PHE A 193 12.38 6.46 -21.65
C PHE A 193 13.39 5.73 -22.53
N LYS A 194 13.86 4.57 -22.06
CA LYS A 194 14.88 3.79 -22.78
C LYS A 194 14.34 3.36 -24.15
N LEU A 195 13.09 2.89 -24.21
CA LEU A 195 12.50 2.48 -25.48
C LEU A 195 12.37 3.59 -26.50
N GLU A 196 11.72 4.70 -26.12
N GLU A 196 11.79 4.70 -26.08
CA GLU A 196 11.48 5.77 -27.11
CA GLU A 196 11.43 5.79 -27.00
C GLU A 196 12.67 6.67 -27.35
C GLU A 196 12.62 6.69 -27.31
N ARG A 197 13.38 7.04 -26.28
CA ARG A 197 14.49 8.00 -26.40
C ARG A 197 15.79 7.38 -26.91
N ASP A 198 16.14 6.20 -26.37
CA ASP A 198 17.42 5.55 -26.72
C ASP A 198 17.27 4.52 -27.85
N MET A 199 16.27 3.65 -27.75
CA MET A 199 16.12 2.58 -28.73
C MET A 199 15.26 2.97 -29.94
N LYS A 200 14.57 4.09 -29.82
CA LYS A 200 13.68 4.62 -30.88
C LYS A 200 12.61 3.60 -31.27
N ILE A 201 12.05 2.91 -30.27
CA ILE A 201 10.98 1.96 -30.53
C ILE A 201 9.66 2.64 -30.20
N ASN A 202 8.72 2.59 -31.12
CA ASN A 202 7.44 3.26 -30.99
C ASN A 202 6.39 2.23 -30.52
N CYS A 203 5.80 2.47 -29.33
CA CYS A 203 4.76 1.59 -28.80
C CYS A 203 3.38 1.89 -29.33
N SER A 204 3.24 2.95 -30.11
CA SER A 204 1.93 3.36 -30.59
C SER A 204 1.23 2.26 -31.40
N GLY A 205 0.03 1.88 -30.95
CA GLY A 205 -0.74 0.85 -31.65
C GLY A 205 -0.26 -0.56 -31.41
N LYS A 206 0.69 -0.74 -30.49
CA LYS A 206 1.24 -2.07 -30.18
C LYS A 206 0.57 -2.62 -28.91
N ILE A 207 0.60 -3.94 -28.74
CA ILE A 207 0.25 -4.53 -27.44
C ILE A 207 1.54 -4.64 -26.65
N VAL A 208 1.55 -4.12 -25.44
CA VAL A 208 2.78 -4.19 -24.66
C VAL A 208 2.71 -5.37 -23.70
N ILE A 209 3.84 -6.05 -23.53
CA ILE A 209 3.95 -7.06 -22.50
C ILE A 209 4.99 -6.63 -21.47
N ALA A 210 4.57 -6.62 -20.19
CA ALA A 210 5.40 -6.13 -19.12
C ALA A 210 5.46 -7.17 -18.01
N ARG A 211 6.65 -7.34 -17.42
CA ARG A 211 6.71 -8.15 -16.21
C ARG A 211 6.29 -7.36 -14.97
N TYR A 212 5.58 -8.07 -14.08
CA TYR A 212 5.22 -7.50 -12.80
C TYR A 212 6.49 -7.27 -12.02
N GLY A 213 6.43 -6.32 -11.08
CA GLY A 213 7.54 -6.10 -10.16
C GLY A 213 7.94 -4.63 -10.18
N LYS A 214 8.73 -4.23 -9.18
CA LYS A 214 9.36 -2.89 -9.08
C LYS A 214 8.41 -1.75 -8.75
N VAL A 215 7.27 -1.69 -9.46
CA VAL A 215 6.30 -0.60 -9.27
C VAL A 215 4.87 -1.12 -9.29
N PHE A 216 3.96 -0.35 -8.70
CA PHE A 216 2.51 -0.65 -8.77
C PHE A 216 2.01 -0.82 -10.21
N ARG A 217 1.20 -1.87 -10.43
CA ARG A 217 0.78 -2.22 -11.81
C ARG A 217 -0.08 -1.12 -12.45
N GLY A 218 -0.78 -0.31 -11.65
CA GLY A 218 -1.52 0.82 -12.20
C GLY A 218 -0.59 1.83 -12.87
N ASN A 219 0.59 2.07 -12.29
CA ASN A 219 1.56 2.94 -12.94
C ASN A 219 2.07 2.38 -14.26
N LYS A 220 2.28 1.07 -14.30
CA LYS A 220 2.67 0.40 -15.56
C LYS A 220 1.63 0.67 -16.66
N VAL A 221 0.36 0.52 -16.31
CA VAL A 221 -0.71 0.69 -17.27
C VAL A 221 -0.80 2.16 -17.73
N LYS A 222 -0.70 3.10 -16.79
N LYS A 222 -0.70 3.09 -16.78
CA LYS A 222 -0.69 4.52 -17.16
CA LYS A 222 -0.65 4.53 -17.08
C LYS A 222 0.48 4.81 -18.10
C LYS A 222 0.47 4.82 -18.07
N ASN A 223 1.65 4.27 -17.78
CA ASN A 223 2.85 4.47 -18.62
C ASN A 223 2.65 3.89 -20.02
N ALA A 224 2.03 2.71 -20.09
CA ALA A 224 1.79 2.06 -21.40
C ALA A 224 0.78 2.88 -22.21
N GLN A 225 -0.27 3.37 -21.54
CA GLN A 225 -1.27 4.22 -22.22
C GLN A 225 -0.66 5.45 -22.83
N LEU A 226 0.19 6.11 -22.05
CA LEU A 226 0.83 7.34 -22.51
C LEU A 226 1.81 7.11 -23.65
N ALA A 227 2.35 5.89 -23.74
CA ALA A 227 3.20 5.48 -24.85
C ALA A 227 2.39 5.09 -26.08
N GLY A 228 1.06 5.11 -25.97
CA GLY A 228 0.19 4.81 -27.11
C GLY A 228 -0.12 3.34 -27.31
N ALA A 229 0.17 2.49 -26.32
CA ALA A 229 -0.17 1.05 -26.39
C ALA A 229 -1.67 0.87 -26.60
N LYS A 230 -2.06 -0.20 -27.29
CA LYS A 230 -3.48 -0.50 -27.38
C LYS A 230 -3.94 -1.63 -26.44
N GLY A 231 -3.01 -2.17 -25.67
CA GLY A 231 -3.33 -3.21 -24.71
C GLY A 231 -2.10 -3.52 -23.89
N VAL A 232 -2.32 -4.10 -22.70
CA VAL A 232 -1.21 -4.46 -21.84
C VAL A 232 -1.40 -5.89 -21.34
N ILE A 233 -0.35 -6.68 -21.47
CA ILE A 233 -0.31 -8.02 -20.88
C ILE A 233 0.72 -7.97 -19.73
N LEU A 234 0.29 -8.34 -18.51
CA LEU A 234 1.16 -8.36 -17.33
C LEU A 234 1.47 -9.81 -17.02
N TYR A 235 2.72 -10.12 -16.66
CA TYR A 235 3.03 -11.51 -16.32
C TYR A 235 4.04 -11.58 -15.19
N SER A 236 4.07 -12.72 -14.50
CA SER A 236 5.02 -12.92 -13.40
C SER A 236 6.25 -13.66 -13.88
N ASP A 237 7.41 -13.00 -13.88
CA ASP A 237 8.64 -13.64 -14.38
C ASP A 237 9.25 -14.39 -13.19
N PRO A 238 9.77 -15.62 -13.41
CA PRO A 238 10.42 -16.34 -12.30
C PRO A 238 11.59 -15.55 -11.69
N ALA A 239 12.20 -14.66 -12.47
CA ALA A 239 13.24 -13.77 -11.90
C ALA A 239 12.76 -12.98 -10.68
N ASP A 240 11.48 -12.61 -10.70
CA ASP A 240 10.89 -11.75 -9.69
C ASP A 240 9.95 -12.51 -8.74
N TYR A 241 9.57 -13.74 -9.09
CA TYR A 241 8.57 -14.50 -8.30
C TYR A 241 8.93 -15.96 -8.03
N PHE A 242 10.19 -16.32 -8.22
CA PHE A 242 10.61 -17.69 -7.96
C PHE A 242 11.99 -17.64 -7.33
N ALA A 243 12.02 -17.80 -6.01
CA ALA A 243 13.28 -17.83 -5.27
C ALA A 243 14.05 -19.10 -5.60
N PRO A 244 15.34 -18.96 -6.00
CA PRO A 244 16.18 -20.13 -6.27
C PRO A 244 16.19 -21.11 -5.08
N GLY A 245 16.06 -22.40 -5.38
CA GLY A 245 16.20 -23.46 -4.37
C GLY A 245 14.97 -23.76 -3.51
N VAL A 246 13.84 -23.09 -3.79
CA VAL A 246 12.59 -23.37 -3.10
C VAL A 246 11.60 -23.94 -4.11
N LYS A 247 10.74 -24.85 -3.65
N LYS A 247 10.72 -24.80 -3.61
CA LYS A 247 9.79 -25.50 -4.55
CA LYS A 247 9.71 -25.49 -4.38
C LYS A 247 8.51 -24.68 -4.69
C LYS A 247 8.52 -24.59 -4.71
N SER A 248 7.82 -24.87 -5.82
CA SER A 248 6.52 -24.24 -6.14
C SER A 248 5.43 -24.78 -5.23
N TYR A 249 4.41 -23.95 -4.94
CA TYR A 249 3.24 -24.43 -4.26
C TYR A 249 2.67 -25.67 -4.97
N PRO A 250 2.25 -26.71 -4.22
CA PRO A 250 2.06 -26.85 -2.75
C PRO A 250 3.26 -27.38 -1.94
N ASP A 251 4.39 -27.54 -2.61
N ASP A 251 4.40 -27.65 -2.54
CA ASP A 251 5.58 -28.17 -2.02
CA ASP A 251 5.50 -28.13 -1.70
C ASP A 251 6.51 -27.16 -1.35
C ASP A 251 6.65 -27.14 -1.56
N GLY A 252 6.29 -25.88 -1.67
CA GLY A 252 7.10 -24.78 -1.18
C GLY A 252 6.33 -23.50 -1.40
N TRP A 253 6.98 -22.38 -1.19
CA TRP A 253 6.25 -21.11 -1.24
C TRP A 253 6.46 -20.31 -2.54
N ASN A 254 7.03 -20.96 -3.56
CA ASN A 254 7.22 -20.29 -4.86
C ASN A 254 5.98 -20.31 -5.74
N LEU A 255 5.97 -19.40 -6.72
CA LEU A 255 4.86 -19.32 -7.68
C LEU A 255 5.06 -20.36 -8.76
N PRO A 256 4.05 -21.25 -8.96
CA PRO A 256 4.11 -22.18 -10.09
C PRO A 256 3.84 -21.48 -11.43
N GLY A 257 4.16 -22.16 -12.54
CA GLY A 257 4.04 -21.51 -13.83
C GLY A 257 2.64 -21.20 -14.26
N GLY A 258 1.66 -21.86 -13.63
CA GLY A 258 0.24 -21.60 -13.85
C GLY A 258 -0.34 -20.55 -12.89
N GLY A 259 0.44 -20.12 -11.91
CA GLY A 259 0.00 -19.07 -10.96
C GLY A 259 -0.08 -17.70 -11.61
N VAL A 260 -1.03 -16.90 -11.14
CA VAL A 260 -1.24 -15.56 -11.71
C VAL A 260 -1.60 -14.57 -10.62
N GLN A 261 -1.04 -13.37 -10.74
CA GLN A 261 -1.28 -12.30 -9.76
C GLN A 261 -2.45 -11.46 -10.24
N ARG A 262 -3.55 -11.50 -9.48
CA ARG A 262 -4.70 -10.57 -9.68
C ARG A 262 -4.34 -9.17 -9.20
N GLY A 263 -5.12 -8.17 -9.60
CA GLY A 263 -4.96 -6.86 -8.93
C GLY A 263 -5.52 -5.74 -9.78
N ASN A 264 -6.00 -4.68 -9.10
CA ASN A 264 -6.58 -3.60 -9.88
C ASN A 264 -5.51 -2.77 -10.58
N ILE A 265 -5.91 -2.06 -11.63
CA ILE A 265 -4.99 -1.25 -12.44
C ILE A 265 -5.44 0.22 -12.51
N LEU A 266 -6.10 0.67 -11.44
CA LEU A 266 -6.56 2.06 -11.39
C LEU A 266 -5.43 3.01 -11.10
N ASN A 267 -5.64 4.29 -11.45
CA ASN A 267 -4.80 5.39 -11.01
C ASN A 267 -5.66 6.43 -10.29
N LEU A 268 -6.06 6.08 -9.07
CA LEU A 268 -7.03 6.89 -8.33
C LEU A 268 -6.41 8.10 -7.67
N ASN A 269 -5.10 8.05 -7.39
CA ASN A 269 -4.43 9.16 -6.65
C ASN A 269 -5.18 9.58 -5.38
N GLY A 270 -5.70 8.58 -4.65
CA GLY A 270 -6.35 8.86 -3.37
C GLY A 270 -7.86 9.12 -3.45
N ALA A 271 -8.46 9.02 -4.63
CA ALA A 271 -9.87 9.48 -4.78
C ALA A 271 -10.92 8.58 -4.12
N GLY A 272 -10.60 7.30 -3.95
CA GLY A 272 -11.63 6.36 -3.47
C GLY A 272 -12.51 5.87 -4.63
N ASP A 273 -13.80 5.64 -4.34
CA ASP A 273 -14.70 5.19 -5.42
C ASP A 273 -14.56 6.07 -6.66
N PRO A 274 -14.31 5.46 -7.83
CA PRO A 274 -14.12 6.28 -9.04
C PRO A 274 -15.27 7.23 -9.37
N LEU A 275 -16.48 6.92 -8.90
CA LEU A 275 -17.65 7.72 -9.30
C LEU A 275 -18.01 8.86 -8.33
N THR A 276 -17.38 8.90 -7.16
CA THR A 276 -17.82 9.86 -6.10
C THR A 276 -16.67 10.58 -5.40
N PRO A 277 -15.68 11.09 -6.18
CA PRO A 277 -14.54 11.69 -5.49
C PRO A 277 -14.94 12.88 -4.60
N GLY A 278 -14.47 12.83 -3.34
CA GLY A 278 -14.73 13.90 -2.35
C GLY A 278 -15.82 13.60 -1.35
N TYR A 279 -16.71 12.65 -1.65
CA TYR A 279 -17.99 12.48 -0.91
C TYR A 279 -18.29 10.99 -0.79
N PRO A 280 -18.93 10.57 0.32
CA PRO A 280 -19.22 9.14 0.48
C PRO A 280 -20.27 8.65 -0.52
N ALA A 281 -20.06 7.43 -1.01
CA ALA A 281 -20.95 6.79 -1.95
C ALA A 281 -22.16 6.20 -1.20
N ASN A 282 -22.92 7.10 -0.59
CA ASN A 282 -24.09 6.73 0.22
C ASN A 282 -25.34 6.53 -0.67
N GLU A 283 -26.51 6.53 -0.07
N GLU A 283 -26.50 6.53 -0.06
CA GLU A 283 -27.68 6.15 -0.79
CA GLU A 283 -27.70 6.18 -0.77
C GLU A 283 -28.17 7.20 -1.79
C GLU A 283 -28.12 7.20 -1.82
N TYR A 284 -27.90 8.46 -1.52
CA TYR A 284 -28.33 9.56 -2.37
C TYR A 284 -27.21 10.18 -3.16
N ALA A 285 -26.04 9.54 -3.18
CA ALA A 285 -24.88 10.11 -3.86
C ALA A 285 -25.16 10.36 -5.33
N TYR A 286 -24.65 11.49 -5.83
CA TYR A 286 -24.66 11.74 -7.25
C TYR A 286 -23.36 11.14 -7.80
N ARG A 287 -23.50 10.36 -8.85
CA ARG A 287 -22.35 9.66 -9.41
C ARG A 287 -21.94 10.26 -10.71
N ARG A 288 -20.64 10.39 -10.90
CA ARG A 288 -20.13 10.66 -12.24
C ARG A 288 -20.53 9.56 -13.21
N GLY A 289 -20.70 9.98 -14.48
CA GLY A 289 -20.77 9.02 -15.57
C GLY A 289 -19.42 8.32 -15.71
N ILE A 290 -19.43 7.13 -16.29
CA ILE A 290 -18.21 6.34 -16.46
C ILE A 290 -17.13 7.12 -17.20
N ALA A 291 -17.51 7.92 -18.19
CA ALA A 291 -16.52 8.70 -18.94
C ALA A 291 -15.78 9.77 -18.12
N GLU A 292 -16.38 10.19 -17.00
N GLU A 292 -16.41 10.23 -17.03
CA GLU A 292 -15.76 11.18 -16.12
CA GLU A 292 -15.81 11.20 -16.09
C GLU A 292 -15.24 10.55 -14.82
C GLU A 292 -15.22 10.56 -14.83
N ALA A 293 -15.34 9.23 -14.71
CA ALA A 293 -14.88 8.50 -13.52
C ALA A 293 -13.38 8.74 -13.29
N VAL A 294 -12.96 8.65 -12.04
CA VAL A 294 -11.56 8.84 -11.74
C VAL A 294 -10.76 7.55 -11.92
N GLY A 295 -9.67 7.63 -12.68
CA GLY A 295 -8.63 6.59 -12.58
C GLY A 295 -8.76 5.36 -13.46
N LEU A 296 -9.80 5.28 -14.30
CA LEU A 296 -9.99 4.08 -15.13
C LEU A 296 -9.01 4.01 -16.29
N PRO A 297 -8.52 2.80 -16.59
CA PRO A 297 -7.62 2.62 -17.73
C PRO A 297 -8.40 2.69 -19.04
N SER A 298 -7.72 3.12 -20.09
N SER A 298 -7.75 3.11 -20.12
CA SER A 298 -8.35 3.31 -21.41
CA SER A 298 -8.45 3.23 -21.41
C SER A 298 -8.15 2.12 -22.35
C SER A 298 -8.05 2.17 -22.43
N ILE A 299 -7.27 1.19 -21.98
CA ILE A 299 -6.86 0.07 -22.85
C ILE A 299 -7.02 -1.23 -22.09
N PRO A 300 -7.35 -2.34 -22.78
CA PRO A 300 -7.55 -3.61 -22.06
C PRO A 300 -6.24 -4.14 -21.48
N VAL A 301 -6.34 -4.83 -20.34
CA VAL A 301 -5.17 -5.33 -19.61
C VAL A 301 -5.54 -6.70 -19.04
N HIS A 302 -4.59 -7.63 -19.02
CA HIS A 302 -4.83 -8.96 -18.47
C HIS A 302 -3.54 -9.56 -17.94
N PRO A 303 -3.59 -10.27 -16.78
CA PRO A 303 -2.37 -10.86 -16.23
C PRO A 303 -2.30 -12.36 -16.56
N ILE A 304 -1.07 -12.86 -16.72
CA ILE A 304 -0.84 -14.29 -17.00
C ILE A 304 0.35 -14.81 -16.17
N GLY A 305 0.47 -16.13 -16.12
CA GLY A 305 1.61 -16.77 -15.45
C GLY A 305 2.76 -17.01 -16.43
N TYR A 306 3.86 -17.54 -15.90
CA TYR A 306 5.07 -17.62 -16.73
C TYR A 306 5.06 -18.77 -17.75
N TYR A 307 4.28 -19.82 -17.52
CA TYR A 307 4.08 -20.81 -18.60
C TYR A 307 3.49 -20.16 -19.85
N ASP A 308 2.44 -19.36 -19.65
CA ASP A 308 1.80 -18.65 -20.75
C ASP A 308 2.66 -17.53 -21.32
N ALA A 309 3.37 -16.80 -20.44
CA ALA A 309 4.29 -15.76 -20.89
C ALA A 309 5.38 -16.32 -21.79
N GLN A 310 5.98 -17.44 -21.41
N GLN A 310 5.80 -17.56 -21.52
CA GLN A 310 7.08 -18.00 -22.20
CA GLN A 310 6.68 -18.32 -22.42
C GLN A 310 6.62 -18.21 -23.66
C GLN A 310 6.13 -18.44 -23.84
N LYS A 311 5.38 -18.65 -23.81
N LYS A 311 4.88 -18.88 -23.99
CA LYS A 311 4.81 -18.92 -25.13
CA LYS A 311 4.33 -19.02 -25.33
C LYS A 311 4.67 -17.62 -25.93
C LYS A 311 4.16 -17.67 -26.04
N LEU A 312 4.20 -16.56 -25.28
CA LEU A 312 4.13 -15.23 -25.89
C LEU A 312 5.48 -14.59 -26.21
N LEU A 313 6.48 -14.81 -25.34
CA LEU A 313 7.78 -14.18 -25.51
C LEU A 313 8.74 -14.93 -26.43
N GLU A 314 8.54 -16.24 -26.54
CA GLU A 314 9.54 -17.08 -27.24
C GLU A 314 9.71 -16.73 -28.72
N LYS A 315 8.65 -16.24 -29.35
CA LYS A 315 8.72 -15.90 -30.77
C LYS A 315 9.14 -14.46 -31.02
N MET A 316 9.35 -13.67 -29.96
CA MET A 316 9.69 -12.26 -30.15
C MET A 316 10.96 -11.97 -30.96
N GLY A 317 10.84 -10.98 -31.85
CA GLY A 317 11.94 -10.55 -32.73
C GLY A 317 12.26 -9.08 -32.53
N GLY A 318 12.56 -8.39 -33.62
CA GLY A 318 13.00 -6.98 -33.53
C GLY A 318 14.29 -6.87 -32.74
N SER A 319 14.39 -5.77 -31.99
CA SER A 319 15.61 -5.42 -31.26
C SER A 319 15.93 -6.35 -30.08
N ALA A 320 17.21 -6.61 -29.87
CA ALA A 320 17.67 -7.33 -28.67
C ALA A 320 17.32 -6.51 -27.42
N PRO A 321 17.24 -7.16 -26.23
CA PRO A 321 17.11 -6.33 -25.00
C PRO A 321 18.34 -5.43 -24.89
N PRO A 322 18.18 -4.21 -24.37
CA PRO A 322 19.30 -3.24 -24.36
C PRO A 322 20.43 -3.63 -23.42
N ASP A 323 20.12 -4.41 -22.39
CA ASP A 323 21.11 -4.87 -21.40
C ASP A 323 20.49 -5.95 -20.50
N SER A 324 21.30 -6.51 -19.60
CA SER A 324 20.88 -7.63 -18.76
C SER A 324 19.72 -7.34 -17.79
N SER A 325 19.57 -6.07 -17.39
CA SER A 325 18.49 -5.65 -16.47
C SER A 325 17.11 -5.78 -17.10
N TRP A 326 17.08 -6.06 -18.41
CA TRP A 326 15.85 -6.28 -19.16
C TRP A 326 15.52 -7.77 -19.33
N ARG A 327 16.46 -8.64 -18.96
N ARG A 327 16.46 -8.65 -18.98
CA ARG A 327 16.28 -10.09 -19.07
CA ARG A 327 16.28 -10.11 -19.11
C ARG A 327 15.82 -10.73 -17.77
C ARG A 327 15.82 -10.75 -17.78
N GLY A 328 14.68 -11.44 -17.83
CA GLY A 328 14.23 -12.26 -16.71
C GLY A 328 14.88 -13.65 -16.80
N SER A 329 14.23 -14.65 -16.20
CA SER A 329 14.81 -16.00 -16.07
C SER A 329 14.24 -17.06 -17.00
N LEU A 330 13.34 -16.69 -17.89
CA LEU A 330 12.77 -17.65 -18.81
C LEU A 330 13.78 -17.92 -19.93
N LYS A 331 13.63 -19.07 -20.56
CA LYS A 331 14.51 -19.44 -21.64
C LYS A 331 14.01 -18.84 -22.95
N VAL A 332 14.04 -17.50 -22.99
CA VAL A 332 13.67 -16.72 -24.18
C VAL A 332 14.70 -15.58 -24.33
N PRO A 333 14.78 -14.93 -25.51
CA PRO A 333 15.82 -13.91 -25.66
C PRO A 333 15.49 -12.58 -25.00
N TYR A 334 14.22 -12.37 -24.67
CA TYR A 334 13.75 -11.07 -24.14
C TYR A 334 13.94 -9.95 -25.17
N ASN A 335 13.76 -10.29 -26.45
CA ASN A 335 13.75 -9.30 -27.51
C ASN A 335 12.63 -8.33 -27.27
N VAL A 336 12.85 -7.07 -27.64
CA VAL A 336 11.88 -6.02 -27.36
C VAL A 336 10.78 -5.98 -28.41
N GLY A 337 11.06 -6.53 -29.59
CA GLY A 337 10.11 -6.41 -30.69
C GLY A 337 10.37 -5.12 -31.46
N PRO A 338 9.33 -4.59 -32.12
CA PRO A 338 7.95 -5.10 -32.19
C PRO A 338 7.81 -6.40 -32.98
N GLY A 339 6.85 -7.22 -32.56
CA GLY A 339 6.47 -8.41 -33.32
C GLY A 339 7.40 -9.59 -33.18
N PHE A 340 7.12 -10.63 -33.98
CA PHE A 340 7.78 -11.92 -33.86
C PHE A 340 8.88 -12.05 -34.92
N THR A 341 9.79 -13.00 -34.73
CA THR A 341 10.87 -13.28 -35.72
C THR A 341 10.33 -13.80 -37.04
N GLY A 342 11.13 -13.61 -38.10
CA GLY A 342 10.76 -13.88 -39.49
C GLY A 342 9.70 -14.91 -39.83
N ASN A 343 9.88 -16.14 -39.36
CA ASN A 343 8.93 -17.23 -39.67
C ASN A 343 7.51 -17.02 -39.12
N PHE A 344 7.41 -16.19 -38.09
CA PHE A 344 6.14 -15.98 -37.39
C PHE A 344 5.67 -14.52 -37.51
N SER A 345 6.33 -13.76 -38.38
CA SER A 345 6.10 -12.32 -38.53
C SER A 345 4.66 -11.95 -38.85
N THR A 346 3.90 -12.87 -39.44
CA THR A 346 2.50 -12.60 -39.80
C THR A 346 1.50 -13.00 -38.73
N GLN A 347 2.00 -13.66 -37.69
CA GLN A 347 1.17 -13.95 -36.52
C GLN A 347 1.07 -12.70 -35.66
N LYS A 348 -0.04 -12.60 -34.93
CA LYS A 348 -0.26 -11.48 -34.04
C LYS A 348 -0.77 -11.98 -32.69
N VAL A 349 -0.87 -11.06 -31.73
CA VAL A 349 -1.43 -11.39 -30.44
C VAL A 349 -2.79 -10.70 -30.33
N LYS A 350 -3.78 -11.42 -29.79
CA LYS A 350 -5.12 -10.89 -29.64
C LYS A 350 -5.61 -11.06 -28.21
N MET A 351 -6.07 -9.96 -27.61
CA MET A 351 -6.65 -10.03 -26.28
C MET A 351 -8.17 -10.19 -26.40
N HIS A 352 -8.80 -10.84 -25.43
CA HIS A 352 -10.27 -10.88 -25.34
C HIS A 352 -10.65 -10.57 -23.91
N ILE A 353 -11.06 -9.33 -23.67
CA ILE A 353 -11.46 -8.88 -22.33
C ILE A 353 -12.93 -8.47 -22.33
N HIS A 354 -13.70 -9.09 -21.43
CA HIS A 354 -15.15 -8.87 -21.33
C HIS A 354 -15.65 -8.54 -19.93
N SER A 355 -14.71 -8.17 -19.05
CA SER A 355 -15.03 -7.78 -17.70
C SER A 355 -15.97 -6.58 -17.71
N THR A 356 -16.77 -6.44 -16.65
CA THR A 356 -17.69 -5.31 -16.54
C THR A 356 -17.50 -4.58 -15.24
N ASN A 357 -17.67 -3.26 -15.29
CA ASN A 357 -17.65 -2.44 -14.08
C ASN A 357 -19.09 -2.34 -13.58
N GLU A 358 -19.30 -2.54 -12.28
N GLU A 358 -19.27 -2.44 -12.28
CA GLU A 358 -20.67 -2.52 -11.75
CA GLU A 358 -20.60 -2.61 -11.69
C GLU A 358 -20.66 -1.89 -10.37
C GLU A 358 -20.66 -1.91 -10.33
N VAL A 359 -21.60 -0.98 -10.15
CA VAL A 359 -21.79 -0.38 -8.81
C VAL A 359 -22.34 -1.49 -7.89
N THR A 360 -21.65 -1.70 -6.78
CA THR A 360 -21.86 -2.86 -5.91
C THR A 360 -21.74 -2.45 -4.46
N ARG A 361 -22.57 -3.06 -3.57
CA ARG A 361 -22.54 -2.68 -2.16
C ARG A 361 -21.33 -3.31 -1.47
N ILE A 362 -20.69 -2.53 -0.60
CA ILE A 362 -19.55 -3.02 0.21
C ILE A 362 -19.82 -2.67 1.67
N TYR A 363 -19.17 -3.37 2.60
CA TYR A 363 -19.50 -3.23 4.02
C TYR A 363 -18.25 -3.14 4.86
N ASN A 364 -18.09 -2.03 5.59
CA ASN A 364 -17.00 -1.96 6.58
C ASN A 364 -17.59 -2.34 7.94
N VAL A 365 -16.83 -3.01 8.80
CA VAL A 365 -17.27 -3.18 10.17
C VAL A 365 -16.48 -2.15 11.01
N ILE A 366 -17.19 -1.39 11.82
CA ILE A 366 -16.60 -0.33 12.65
C ILE A 366 -16.95 -0.61 14.11
N GLY A 367 -15.93 -0.90 14.90
CA GLY A 367 -16.11 -1.22 16.34
C GLY A 367 -15.59 -0.08 17.19
N THR A 368 -16.27 0.25 18.28
CA THR A 368 -15.84 1.38 19.14
C THR A 368 -15.58 0.88 20.55
N LEU A 369 -14.46 1.28 21.11
CA LEU A 369 -14.20 1.08 22.55
C LEU A 369 -14.03 2.48 23.12
N ARG A 370 -15.08 2.97 23.78
N ARG A 370 -15.08 2.99 23.77
CA ARG A 370 -15.13 4.37 24.28
CA ARG A 370 -15.11 4.40 24.19
C ARG A 370 -14.03 4.66 25.30
C ARG A 370 -14.09 4.70 25.29
N GLY A 371 -13.32 5.78 25.12
CA GLY A 371 -12.32 6.22 26.09
C GLY A 371 -12.95 6.72 27.39
N ALA A 372 -12.25 6.45 28.49
CA ALA A 372 -12.68 6.85 29.84
C ALA A 372 -12.50 8.35 30.11
N VAL A 373 -11.46 8.93 29.52
CA VAL A 373 -11.07 10.33 29.84
C VAL A 373 -11.19 11.26 28.63
N GLU A 374 -10.71 10.78 27.48
CA GLU A 374 -10.82 11.57 26.25
C GLU A 374 -11.56 10.78 25.17
N PRO A 375 -12.89 10.58 25.35
CA PRO A 375 -13.65 9.81 24.36
C PRO A 375 -13.72 10.49 23.02
N ASP A 376 -13.43 11.80 22.97
CA ASP A 376 -13.41 12.52 21.69
C ASP A 376 -12.01 12.53 21.04
N ARG A 377 -11.16 11.56 21.37
CA ARG A 377 -9.87 11.39 20.72
C ARG A 377 -9.84 9.98 20.23
N TYR A 378 -9.53 9.79 18.96
CA TYR A 378 -9.65 8.47 18.34
C TYR A 378 -8.32 7.92 17.92
N VAL A 379 -8.05 6.70 18.38
CA VAL A 379 -6.91 5.93 17.91
C VAL A 379 -7.51 4.78 17.10
N ILE A 380 -7.12 4.65 15.84
CA ILE A 380 -7.81 3.73 14.92
C ILE A 380 -6.87 2.61 14.52
N LEU A 381 -7.36 1.37 14.67
CA LEU A 381 -6.65 0.19 14.14
C LEU A 381 -7.52 -0.36 13.03
N GLY A 382 -7.01 -0.30 11.80
CA GLY A 382 -7.85 -0.75 10.69
C GLY A 382 -7.08 -1.63 9.71
N GLY A 383 -7.81 -2.53 9.05
CA GLY A 383 -7.17 -3.32 7.99
C GLY A 383 -8.30 -3.93 7.19
N HIS A 384 -8.02 -4.39 5.97
CA HIS A 384 -9.16 -4.86 5.15
C HIS A 384 -9.46 -6.33 5.33
N ARG A 385 -10.61 -6.72 4.78
CA ARG A 385 -11.18 -8.04 4.99
C ARG A 385 -11.38 -8.72 3.66
N ASP A 386 -11.64 -7.92 2.61
CA ASP A 386 -11.87 -8.49 1.28
C ASP A 386 -10.57 -9.07 0.74
N SER A 387 -10.67 -10.16 -0.02
CA SER A 387 -9.51 -10.80 -0.57
C SER A 387 -9.74 -11.09 -2.04
N TRP A 388 -8.66 -11.36 -2.77
CA TRP A 388 -8.85 -11.79 -4.16
C TRP A 388 -9.40 -13.20 -4.23
N VAL A 389 -8.81 -14.13 -3.48
CA VAL A 389 -9.37 -15.48 -3.38
C VAL A 389 -9.44 -15.82 -1.89
N PHE A 390 -8.57 -16.71 -1.40
CA PHE A 390 -8.66 -17.13 0.00
C PHE A 390 -8.02 -16.17 0.99
N GLY A 391 -7.11 -15.33 0.51
CA GLY A 391 -6.54 -14.29 1.39
C GLY A 391 -5.69 -14.83 2.55
N GLY A 392 -5.03 -15.98 2.33
CA GLY A 392 -4.23 -16.64 3.38
C GLY A 392 -3.22 -15.70 4.02
N ILE A 393 -2.54 -14.90 3.19
CA ILE A 393 -1.70 -13.86 3.77
C ILE A 393 -2.45 -12.52 3.67
N ASP A 394 -2.85 -12.16 2.46
CA ASP A 394 -3.39 -10.82 2.19
C ASP A 394 -4.92 -10.95 2.02
N PRO A 395 -5.72 -10.51 3.01
CA PRO A 395 -5.36 -9.75 4.22
C PRO A 395 -5.55 -10.57 5.48
N GLN A 396 -5.91 -11.86 5.39
CA GLN A 396 -6.44 -12.48 6.60
C GLN A 396 -5.38 -12.72 7.69
N SER A 397 -4.11 -12.78 7.30
CA SER A 397 -3.07 -12.84 8.34
C SER A 397 -3.05 -11.57 9.18
N GLY A 398 -3.46 -10.45 8.56
CA GLY A 398 -3.63 -9.18 9.26
C GLY A 398 -4.94 -9.17 10.02
N ALA A 399 -6.03 -9.56 9.36
CA ALA A 399 -7.35 -9.52 10.02
C ALA A 399 -7.44 -10.42 11.25
N ALA A 400 -6.77 -11.57 11.22
CA ALA A 400 -6.75 -12.50 12.37
C ALA A 400 -6.03 -11.86 13.54
N VAL A 401 -5.01 -11.06 13.21
CA VAL A 401 -4.27 -10.32 14.24
C VAL A 401 -5.17 -9.23 14.85
N VAL A 402 -5.88 -8.47 13.99
CA VAL A 402 -6.80 -7.47 14.52
C VAL A 402 -7.85 -8.12 15.42
N HIS A 403 -8.36 -9.28 15.00
CA HIS A 403 -9.42 -9.99 15.74
C HIS A 403 -8.93 -10.34 17.16
N GLU A 404 -7.71 -10.86 17.25
CA GLU A 404 -7.13 -11.20 18.55
C GLU A 404 -6.84 -9.95 19.40
N ILE A 405 -6.41 -8.86 18.76
CA ILE A 405 -6.22 -7.59 19.46
C ILE A 405 -7.54 -7.10 20.04
N VAL A 406 -8.62 -7.13 19.25
CA VAL A 406 -9.97 -6.76 19.76
C VAL A 406 -10.35 -7.64 20.95
N ARG A 407 -10.14 -8.95 20.80
CA ARG A 407 -10.46 -9.90 21.86
C ARG A 407 -9.74 -9.53 23.16
N SER A 408 -8.45 -9.20 23.04
CA SER A 408 -7.64 -8.87 24.20
C SER A 408 -8.08 -7.56 24.86
N PHE A 409 -8.26 -6.48 24.08
CA PHE A 409 -8.77 -5.26 24.66
C PHE A 409 -10.12 -5.48 25.33
N GLY A 410 -10.96 -6.33 24.72
CA GLY A 410 -12.28 -6.63 25.25
C GLY A 410 -12.23 -7.40 26.56
N THR A 411 -11.22 -8.24 26.75
CA THR A 411 -11.04 -8.96 28.01
C THR A 411 -10.77 -7.97 29.15
N LEU A 412 -9.94 -6.97 28.87
CA LEU A 412 -9.64 -5.95 29.88
C LEU A 412 -10.89 -5.14 30.18
N LYS A 413 -11.61 -4.76 29.13
CA LYS A 413 -12.86 -4.01 29.28
C LYS A 413 -13.86 -4.75 30.18
N LYS A 414 -14.01 -6.06 30.00
CA LYS A 414 -14.93 -6.86 30.83
C LYS A 414 -14.55 -6.87 32.31
N GLU A 415 -13.28 -6.63 32.57
CA GLU A 415 -12.77 -6.52 33.95
C GLU A 415 -12.84 -5.10 34.52
N GLY A 416 -13.40 -4.17 33.75
CA GLY A 416 -13.65 -2.79 34.24
C GLY A 416 -12.70 -1.73 33.69
N TRP A 417 -11.78 -2.14 32.84
CA TRP A 417 -10.79 -1.21 32.30
C TRP A 417 -11.36 -0.51 31.08
N ARG A 418 -10.95 0.73 30.89
CA ARG A 418 -11.17 1.39 29.59
C ARG A 418 -9.90 2.12 29.21
N PRO A 419 -9.63 2.25 27.91
CA PRO A 419 -8.52 3.08 27.49
C PRO A 419 -8.80 4.55 27.80
N ARG A 420 -7.77 5.35 27.91
CA ARG A 420 -7.93 6.78 28.15
C ARG A 420 -8.70 7.43 26.99
N ARG A 421 -8.24 7.12 25.78
CA ARG A 421 -8.86 7.64 24.53
C ARG A 421 -9.70 6.54 23.88
N THR A 422 -10.62 6.94 23.04
CA THR A 422 -11.41 5.99 22.25
C THR A 422 -10.55 5.24 21.23
N ILE A 423 -10.77 3.93 21.15
CA ILE A 423 -10.15 3.13 20.11
C ILE A 423 -11.26 2.70 19.14
N LEU A 424 -11.02 2.97 17.85
CA LEU A 424 -11.89 2.49 16.79
C LEU A 424 -11.16 1.35 16.09
N PHE A 425 -11.91 0.28 15.83
CA PHE A 425 -11.40 -0.88 15.09
C PHE A 425 -12.17 -1.01 13.78
N ALA A 426 -11.45 -1.27 12.69
CA ALA A 426 -12.12 -1.31 11.39
C ALA A 426 -11.69 -2.52 10.58
N SER A 427 -12.70 -3.15 10.00
CA SER A 427 -12.55 -4.22 9.00
C SER A 427 -13.03 -3.62 7.68
N TRP A 428 -12.08 -3.19 6.84
CA TRP A 428 -12.45 -2.46 5.63
C TRP A 428 -12.80 -3.41 4.49
N ASP A 429 -13.71 -2.94 3.63
CA ASP A 429 -14.04 -3.72 2.46
C ASP A 429 -13.40 -3.07 1.24
N ALA A 430 -13.37 -3.84 0.15
CA ALA A 430 -12.97 -3.38 -1.18
C ALA A 430 -11.60 -2.70 -1.22
N ALA A 431 -10.69 -3.10 -0.34
CA ALA A 431 -9.35 -2.51 -0.44
C ALA A 431 -8.71 -2.96 -1.74
N GLU A 432 -8.99 -4.20 -2.14
CA GLU A 432 -8.34 -4.72 -3.36
C GLU A 432 -8.77 -3.96 -4.61
N PHE A 433 -9.89 -3.24 -4.53
CA PHE A 433 -10.41 -2.52 -5.67
C PHE A 433 -10.08 -1.03 -5.62
N GLY A 434 -9.12 -0.66 -4.75
CA GLY A 434 -8.67 0.74 -4.71
C GLY A 434 -8.84 1.42 -3.38
N LEU A 435 -8.73 0.65 -2.30
CA LEU A 435 -8.84 1.25 -0.94
C LEU A 435 -10.23 1.91 -0.79
N LEU A 436 -11.25 1.27 -1.36
CA LEU A 436 -12.54 1.97 -1.47
C LEU A 436 -13.27 2.10 -0.15
N GLY A 437 -13.25 1.04 0.64
CA GLY A 437 -14.01 1.03 1.90
C GLY A 437 -13.45 2.03 2.90
N SER A 438 -12.13 2.03 3.09
CA SER A 438 -11.55 2.97 4.04
C SER A 438 -11.77 4.40 3.55
N THR A 439 -11.61 4.59 2.25
CA THR A 439 -11.68 5.96 1.73
C THR A 439 -13.10 6.52 1.82
N GLU A 440 -14.11 5.70 1.46
CA GLU A 440 -15.49 6.21 1.53
C GLU A 440 -15.85 6.54 2.96
N TRP A 441 -15.45 5.66 3.90
CA TRP A 441 -15.78 5.91 5.32
C TRP A 441 -15.06 7.18 5.84
N ALA A 442 -13.82 7.38 5.42
CA ALA A 442 -13.10 8.58 5.83
C ALA A 442 -13.73 9.81 5.16
N GLU A 443 -14.23 9.69 3.92
CA GLU A 443 -14.94 10.83 3.29
C GLU A 443 -16.20 11.17 4.06
N GLU A 444 -16.89 10.14 4.51
CA GLU A 444 -18.11 10.35 5.28
C GLU A 444 -17.79 11.05 6.61
N ASN A 445 -16.70 10.64 7.23
CA ASN A 445 -16.39 11.04 8.61
C ASN A 445 -15.25 12.03 8.72
N SER A 446 -14.94 12.72 7.61
CA SER A 446 -13.71 13.53 7.56
C SER A 446 -13.64 14.59 8.66
N ARG A 447 -14.76 15.22 8.97
CA ARG A 447 -14.76 16.28 10.00
C ARG A 447 -14.43 15.71 11.38
N LEU A 448 -14.99 14.53 11.68
CA LEU A 448 -14.68 13.91 12.95
C LEU A 448 -13.19 13.51 12.98
N LEU A 449 -12.71 12.96 11.87
CA LEU A 449 -11.34 12.47 11.86
C LEU A 449 -10.33 13.61 11.91
N GLN A 450 -10.61 14.70 11.17
CA GLN A 450 -9.80 15.92 11.11
C GLN A 450 -9.58 16.50 12.51
N GLU A 451 -10.64 16.54 13.31
CA GLU A 451 -10.56 17.28 14.56
C GLU A 451 -10.30 16.37 15.76
N ARG A 452 -10.45 15.07 15.56
CA ARG A 452 -10.36 14.11 16.69
C ARG A 452 -9.36 12.95 16.50
N GLY A 453 -8.79 12.81 15.30
CA GLY A 453 -7.99 11.62 14.96
C GLY A 453 -6.57 11.77 15.49
N VAL A 454 -6.23 10.92 16.45
CA VAL A 454 -4.88 10.92 16.98
C VAL A 454 -3.91 10.18 16.05
N ALA A 455 -4.31 8.95 15.69
CA ALA A 455 -3.41 8.06 14.95
C ALA A 455 -4.18 6.98 14.25
N TYR A 456 -3.58 6.46 13.18
CA TYR A 456 -4.12 5.32 12.44
C TYR A 456 -3.00 4.29 12.32
N ILE A 457 -3.28 3.07 12.78
CA ILE A 457 -2.38 1.94 12.61
C ILE A 457 -3.03 0.96 11.64
N ASN A 458 -2.34 0.68 10.53
CA ASN A 458 -2.89 -0.26 9.57
C ASN A 458 -2.66 -1.71 9.99
N ALA A 459 -3.36 -2.63 9.34
CA ALA A 459 -3.26 -4.03 9.73
C ALA A 459 -3.64 -4.92 8.57
N ASP A 460 -2.91 -4.76 7.47
CA ASP A 460 -2.99 -5.74 6.39
C ASP A 460 -2.03 -6.90 6.75
N SER A 461 -1.61 -7.65 5.73
CA SER A 461 -0.79 -8.85 5.91
CA SER A 461 -0.81 -8.85 5.92
C SER A 461 0.22 -8.74 7.05
N SER A 462 0.16 -9.69 8.00
CA SER A 462 1.09 -9.66 9.14
C SER A 462 2.47 -10.16 8.79
N ILE A 463 2.57 -10.98 7.75
CA ILE A 463 3.84 -11.63 7.39
C ILE A 463 4.00 -11.66 5.88
N GLU A 464 5.22 -11.42 5.40
N GLU A 464 5.22 -11.42 5.40
CA GLU A 464 5.58 -11.70 4.00
CA GLU A 464 5.58 -11.72 4.01
C GLU A 464 6.90 -12.46 3.96
C GLU A 464 6.92 -12.45 3.97
N GLY A 465 7.30 -12.97 5.13
CA GLY A 465 8.56 -13.66 5.33
C GLY A 465 8.70 -13.93 6.81
N ASN A 466 9.82 -14.51 7.21
CA ASN A 466 10.01 -14.95 8.59
C ASN A 466 11.36 -14.48 9.16
N TYR A 467 11.89 -13.40 8.59
CA TYR A 467 13.24 -12.96 8.90
C TYR A 467 13.28 -11.88 9.97
N THR A 468 12.60 -10.75 9.73
CA THR A 468 12.68 -9.68 10.72
C THR A 468 11.47 -8.74 10.59
N LEU A 469 11.39 -7.76 11.48
CA LEU A 469 10.34 -6.74 11.41
C LEU A 469 10.55 -5.73 10.29
N ARG A 470 9.43 -5.21 9.78
CA ARG A 470 9.43 -4.15 8.78
C ARG A 470 8.42 -3.11 9.25
N VAL A 471 8.88 -1.88 9.49
CA VAL A 471 7.98 -0.81 9.96
C VAL A 471 8.09 0.38 9.01
N ASP A 472 6.93 0.90 8.60
CA ASP A 472 6.86 2.18 7.87
C ASP A 472 5.92 3.07 8.68
N CYS A 473 6.32 4.31 8.93
CA CYS A 473 5.46 5.19 9.72
C CYS A 473 5.94 6.61 9.66
N THR A 474 5.07 7.49 10.12
CA THR A 474 5.44 8.88 10.32
C THR A 474 6.63 9.00 11.29
N PRO A 475 7.53 9.97 11.06
CA PRO A 475 8.58 10.21 12.06
C PRO A 475 8.02 10.42 13.48
N LEU A 476 6.77 10.91 13.60
CA LEU A 476 6.19 11.12 14.95
C LEU A 476 6.11 9.82 15.78
N MET A 477 6.14 8.67 15.13
CA MET A 477 6.04 7.38 15.84
C MET A 477 7.37 6.64 15.99
N TYR A 478 8.47 7.22 15.51
CA TYR A 478 9.75 6.51 15.59
C TYR A 478 10.11 6.11 17.03
N SER A 479 9.98 7.08 17.95
CA SER A 479 10.40 6.84 19.35
C SER A 479 9.50 5.83 20.02
N LEU A 480 8.20 5.93 19.75
CA LEU A 480 7.22 4.95 20.25
C LEU A 480 7.62 3.54 19.80
N VAL A 481 7.96 3.40 18.52
CA VAL A 481 8.32 2.07 17.96
C VAL A 481 9.63 1.56 18.56
N HIS A 482 10.64 2.42 18.65
CA HIS A 482 11.90 2.02 19.34
C HIS A 482 11.62 1.54 20.76
N ASN A 483 10.86 2.33 21.53
CA ASN A 483 10.61 1.99 22.92
C ASN A 483 9.80 0.72 23.09
N LEU A 484 8.76 0.58 22.28
CA LEU A 484 7.93 -0.62 22.38
C LEU A 484 8.71 -1.87 22.04
N THR A 485 9.47 -1.83 20.94
CA THR A 485 10.18 -3.06 20.48
C THR A 485 11.31 -3.45 21.46
N LYS A 486 11.81 -2.48 22.24
CA LYS A 486 12.77 -2.82 23.31
C LYS A 486 12.13 -3.63 24.45
N GLU A 487 10.81 -3.52 24.59
N GLU A 487 10.82 -3.57 24.60
CA GLU A 487 10.02 -4.18 25.64
CA GLU A 487 10.12 -4.27 25.69
C GLU A 487 9.58 -5.59 25.23
C GLU A 487 9.36 -5.50 25.20
N LEU A 488 9.52 -5.83 23.92
CA LEU A 488 9.01 -7.08 23.36
C LEU A 488 10.09 -8.13 23.13
N LYS A 489 9.72 -9.38 23.25
CA LYS A 489 10.64 -10.51 23.06
C LYS A 489 10.87 -10.78 21.59
N SER A 490 12.11 -11.00 21.18
CA SER A 490 12.33 -11.45 19.81
C SER A 490 11.83 -12.89 19.61
N PRO A 491 11.09 -13.13 18.52
CA PRO A 491 10.66 -14.51 18.22
C PRO A 491 11.72 -15.26 17.40
N ASP A 492 12.83 -14.59 17.07
CA ASP A 492 13.76 -15.12 16.08
C ASP A 492 14.67 -16.18 16.68
N GLU A 493 14.96 -17.20 15.87
N GLU A 493 14.97 -17.20 15.86
CA GLU A 493 15.95 -18.21 16.26
CA GLU A 493 15.98 -18.20 16.20
C GLU A 493 17.32 -17.55 16.41
C GLU A 493 17.33 -17.52 16.41
N GLY A 494 18.02 -17.87 17.49
CA GLY A 494 19.32 -17.27 17.78
C GLY A 494 19.22 -16.02 18.64
N PHE A 495 18.00 -15.52 18.82
CA PHE A 495 17.79 -14.34 19.64
C PHE A 495 16.88 -14.63 20.81
N GLU A 496 16.77 -15.90 21.22
CA GLU A 496 15.95 -16.21 22.40
C GLU A 496 16.45 -15.44 23.62
N GLY A 497 15.51 -14.82 24.34
CA GLY A 497 15.84 -13.98 25.49
C GLY A 497 16.33 -12.58 25.16
N LYS A 498 16.38 -12.22 23.87
CA LYS A 498 16.75 -10.88 23.48
C LYS A 498 15.49 -10.13 23.07
N SER A 499 15.59 -8.81 23.02
CA SER A 499 14.46 -7.96 22.61
C SER A 499 14.24 -8.01 21.11
N LEU A 500 13.02 -7.72 20.69
CA LEU A 500 12.72 -7.53 19.27
C LEU A 500 13.55 -6.36 18.70
N TYR A 501 13.74 -5.30 19.48
CA TYR A 501 14.59 -4.21 19.03
C TYR A 501 15.98 -4.72 18.66
N GLU A 502 16.56 -5.56 19.50
CA GLU A 502 17.89 -6.09 19.24
C GLU A 502 17.97 -6.90 17.92
N SER A 503 17.03 -7.83 17.74
CA SER A 503 17.07 -8.69 16.55
C SER A 503 16.77 -7.87 15.29
N TRP A 504 15.78 -6.99 15.40
CA TRP A 504 15.41 -6.14 14.29
C TRP A 504 16.57 -5.20 13.91
N THR A 505 17.21 -4.59 14.90
CA THR A 505 18.32 -3.69 14.63
C THR A 505 19.52 -4.41 13.99
N LYS A 506 19.82 -5.61 14.50
CA LYS A 506 20.87 -6.46 13.95
C LYS A 506 20.59 -6.82 12.48
N LYS A 507 19.36 -7.23 12.19
CA LYS A 507 18.98 -7.71 10.84
C LYS A 507 18.70 -6.62 9.81
N SER A 508 18.26 -5.46 10.28
CA SER A 508 17.81 -4.37 9.42
C SER A 508 18.33 -3.02 9.96
N PRO A 509 19.67 -2.84 9.87
CA PRO A 509 20.24 -1.63 10.45
C PRO A 509 19.82 -0.40 9.69
N SER A 510 19.61 0.69 10.42
CA SER A 510 19.44 2.01 9.86
C SER A 510 20.63 2.34 8.96
N PRO A 511 20.37 2.91 7.77
CA PRO A 511 21.49 3.40 6.95
C PRO A 511 22.17 4.67 7.55
N GLU A 512 21.40 5.46 8.29
N GLU A 512 21.42 5.44 8.33
CA GLU A 512 21.93 6.71 8.86
CA GLU A 512 21.93 6.73 8.84
C GLU A 512 22.68 6.45 10.18
C GLU A 512 22.40 6.73 10.31
N PHE A 513 22.04 5.71 11.09
CA PHE A 513 22.46 5.67 12.51
C PHE A 513 22.86 4.30 13.03
N SER A 514 24.05 4.24 13.63
CA SER A 514 24.54 2.99 14.23
C SER A 514 23.67 2.66 15.43
N GLY A 515 23.26 1.40 15.53
CA GLY A 515 22.56 0.92 16.71
C GLY A 515 21.06 1.17 16.69
N MET A 516 20.58 1.66 15.53
N MET A 516 20.57 1.65 15.55
CA MET A 516 19.15 1.90 15.27
CA MET A 516 19.13 1.79 15.34
C MET A 516 18.64 1.03 14.11
C MET A 516 18.65 0.99 14.15
N PRO A 517 17.36 0.62 14.16
CA PRO A 517 16.78 -0.14 13.05
C PRO A 517 16.28 0.75 11.91
N ARG A 518 16.17 0.17 10.72
N ARG A 518 16.16 0.19 10.72
CA ARG A 518 15.56 0.84 9.57
CA ARG A 518 15.58 0.90 9.59
C ARG A 518 14.06 1.03 9.79
C ARG A 518 14.07 1.04 9.76
N ILE A 519 13.58 2.28 9.60
CA ILE A 519 12.13 2.55 9.51
C ILE A 519 11.90 3.37 8.24
N SER A 520 11.01 2.89 7.38
CA SER A 520 10.76 3.55 6.10
C SER A 520 9.64 4.55 6.18
N LYS A 521 9.65 5.44 5.19
N LYS A 521 9.63 5.48 5.23
CA LYS A 521 8.52 6.34 4.88
CA LYS A 521 8.49 6.38 5.11
C LYS A 521 7.31 5.52 4.51
C LYS A 521 7.33 5.60 4.50
N LEU A 522 6.11 6.04 4.83
CA LEU A 522 4.88 5.47 4.25
C LEU A 522 4.86 5.75 2.77
N GLY A 523 4.56 4.70 1.99
CA GLY A 523 4.19 4.85 0.57
C GLY A 523 2.68 4.82 0.48
N SER A 524 2.15 3.98 -0.41
CA SER A 524 0.69 3.84 -0.49
C SER A 524 0.38 2.47 -1.04
N GLY A 525 -0.88 2.24 -1.46
CA GLY A 525 -1.28 0.89 -1.83
C GLY A 525 -1.94 0.19 -0.65
N ASN A 526 -2.24 0.93 0.44
CA ASN A 526 -2.95 0.32 1.56
C ASN A 526 -3.81 1.34 2.28
N ASP A 527 -4.63 0.88 3.24
CA ASP A 527 -5.77 1.65 3.73
C ASP A 527 -5.42 2.82 4.65
N PHE A 528 -4.15 3.00 4.96
CA PHE A 528 -3.73 4.24 5.63
C PHE A 528 -3.73 5.46 4.70
N GLU A 529 -3.82 5.27 3.37
CA GLU A 529 -3.63 6.40 2.44
C GLU A 529 -4.55 7.58 2.75
N VAL A 530 -5.86 7.33 2.93
CA VAL A 530 -6.79 8.46 3.13
C VAL A 530 -6.44 9.15 4.47
N PHE A 531 -6.12 8.34 5.48
CA PHE A 531 -5.83 8.92 6.80
C PHE A 531 -4.59 9.79 6.81
N PHE A 532 -3.55 9.33 6.12
CA PHE A 532 -2.24 9.97 6.20
C PHE A 532 -2.09 11.06 5.12
N GLN A 533 -2.09 10.67 3.85
N GLN A 533 -2.13 10.65 3.85
CA GLN A 533 -1.85 11.69 2.80
CA GLN A 533 -1.93 11.56 2.72
C GLN A 533 -3.06 12.61 2.45
C GLN A 533 -3.06 12.60 2.51
N ARG A 534 -4.30 12.19 2.76
CA ARG A 534 -5.43 13.12 2.56
C ARG A 534 -5.72 13.91 3.84
N LEU A 535 -5.90 13.21 4.96
CA LEU A 535 -6.33 13.89 6.17
C LEU A 535 -5.23 14.35 7.13
N GLY A 536 -4.01 13.82 7.02
CA GLY A 536 -2.91 14.28 7.88
C GLY A 536 -3.00 13.74 9.30
N ILE A 537 -3.41 12.49 9.41
CA ILE A 537 -3.44 11.81 10.73
C ILE A 537 -2.20 10.91 10.79
N ALA A 538 -1.43 11.05 11.89
CA ALA A 538 -0.20 10.25 12.11
C ALA A 538 -0.50 8.77 11.90
N SER A 539 0.25 8.11 11.01
CA SER A 539 -0.07 6.72 10.62
C SER A 539 1.18 5.84 10.71
N GLY A 540 0.95 4.55 10.94
CA GLY A 540 2.07 3.57 10.87
C GLY A 540 1.59 2.18 10.51
N ARG A 541 2.55 1.32 10.24
CA ARG A 541 2.27 -0.08 9.91
C ARG A 541 3.52 -0.91 10.27
N ALA A 542 3.29 -2.19 10.53
CA ALA A 542 4.36 -3.12 10.91
C ALA A 542 3.99 -4.51 10.47
N ARG A 543 4.99 -5.27 10.03
N ARG A 543 4.98 -5.25 9.98
CA ARG A 543 4.78 -6.67 9.65
CA ARG A 543 4.79 -6.65 9.55
C ARG A 543 6.11 -7.39 9.73
C ARG A 543 6.12 -7.38 9.54
N TYR A 544 6.08 -8.71 9.59
CA TYR A 544 7.29 -9.50 9.44
C TYR A 544 7.61 -9.64 7.95
N THR A 545 8.89 -9.67 7.65
CA THR A 545 9.33 -9.63 6.25
C THR A 545 10.48 -10.62 6.04
N LYS A 546 10.85 -10.81 4.78
CA LYS A 546 11.98 -11.65 4.37
C LYS A 546 13.30 -10.85 4.44
N ASN A 547 14.42 -11.53 4.20
CA ASN A 547 15.71 -10.87 4.05
C ASN A 547 15.83 -10.19 2.68
N TRP A 548 15.70 -8.86 2.70
CA TRP A 548 15.72 -7.97 1.53
C TRP A 548 17.16 -7.72 1.02
N GLU A 549 17.97 -8.77 1.06
CA GLU A 549 19.38 -8.73 0.65
C GLU A 549 19.74 -10.01 -0.09
N THR A 550 19.31 -11.14 0.47
CA THR A 550 19.59 -12.46 -0.07
C THR A 550 18.43 -12.97 -0.92
N ASN A 551 17.42 -12.11 -1.08
CA ASN A 551 16.20 -12.43 -1.82
C ASN A 551 15.83 -11.27 -2.74
N LYS A 552 16.16 -11.45 -4.02
CA LYS A 552 16.00 -10.41 -5.04
C LYS A 552 14.64 -10.43 -5.76
N PHE A 553 13.62 -11.01 -5.10
CA PHE A 553 12.27 -11.17 -5.71
C PHE A 553 11.15 -10.16 -5.28
N SER A 554 11.30 -9.50 -4.12
CA SER A 554 10.27 -8.51 -3.60
C SER A 554 8.77 -8.94 -3.44
N GLY A 555 8.17 -8.57 -2.29
CA GLY A 555 6.87 -9.07 -1.84
C GLY A 555 7.03 -10.55 -1.46
N TYR A 556 5.95 -11.34 -1.55
CA TYR A 556 6.07 -12.80 -1.45
C TYR A 556 5.56 -13.40 -2.79
N PRO A 557 6.11 -14.55 -3.21
CA PRO A 557 5.80 -15.03 -4.57
C PRO A 557 4.33 -15.30 -4.87
N LEU A 558 3.56 -15.72 -3.87
CA LEU A 558 2.17 -16.17 -4.14
C LEU A 558 1.14 -15.07 -3.99
N TYR A 559 1.62 -13.84 -3.83
CA TYR A 559 0.77 -12.65 -3.77
C TYR A 559 -0.37 -12.60 -4.78
N HIS A 560 -1.61 -12.50 -4.29
CA HIS A 560 -2.82 -12.31 -5.14
C HIS A 560 -3.14 -13.48 -6.06
N SER A 561 -2.58 -14.63 -5.71
CA SER A 561 -2.84 -15.89 -6.42
C SER A 561 -3.79 -16.80 -5.59
N VAL A 562 -4.39 -17.77 -6.30
CA VAL A 562 -5.25 -18.76 -5.62
C VAL A 562 -4.44 -19.55 -4.55
N TYR A 563 -3.10 -19.54 -4.66
CA TYR A 563 -2.26 -20.40 -3.80
C TYR A 563 -2.02 -19.79 -2.43
N GLU A 564 -2.45 -18.53 -2.25
CA GLU A 564 -2.30 -17.85 -0.97
C GLU A 564 -3.37 -18.39 -0.03
N THR A 565 -3.03 -19.44 0.73
CA THR A 565 -4.01 -20.16 1.53
C THR A 565 -3.56 -20.27 2.99
N TYR A 566 -4.47 -20.77 3.83
CA TYR A 566 -4.11 -21.13 5.19
C TYR A 566 -2.88 -22.06 5.24
N GLU A 567 -2.88 -23.07 4.37
CA GLU A 567 -1.78 -24.03 4.39
C GLU A 567 -0.45 -23.40 4.04
N LEU A 568 -0.46 -22.45 3.11
CA LEU A 568 0.76 -21.73 2.80
C LEU A 568 1.38 -21.15 4.07
N VAL A 569 0.54 -20.46 4.84
CA VAL A 569 1.02 -19.80 6.07
C VAL A 569 1.45 -20.84 7.13
N GLU A 570 0.57 -21.79 7.42
CA GLU A 570 0.79 -22.77 8.47
C GLU A 570 1.98 -23.69 8.15
N LYS A 571 2.16 -24.04 6.87
CA LYS A 571 3.25 -24.97 6.51
C LYS A 571 4.60 -24.28 6.32
N PHE A 572 4.60 -23.13 5.65
CA PHE A 572 5.83 -22.54 5.13
C PHE A 572 6.25 -21.24 5.80
N TYR A 573 5.30 -20.44 6.30
CA TYR A 573 5.67 -19.14 6.85
C TYR A 573 5.80 -19.10 8.36
N ASP A 574 4.79 -19.63 9.07
CA ASP A 574 4.73 -19.39 10.52
C ASP A 574 3.99 -20.51 11.24
N PRO A 575 4.56 -21.72 11.26
CA PRO A 575 3.83 -22.85 11.81
C PRO A 575 3.42 -22.68 13.27
N MET A 576 4.22 -21.96 14.04
N MET A 576 4.24 -21.97 14.04
CA MET A 576 3.94 -21.76 15.45
CA MET A 576 3.99 -21.73 15.46
C MET A 576 3.14 -20.47 15.71
C MET A 576 3.18 -20.46 15.71
N PHE A 577 2.94 -19.69 14.65
CA PHE A 577 2.22 -18.41 14.76
C PHE A 577 2.90 -17.42 15.70
N LYS A 578 4.21 -17.62 15.86
CA LYS A 578 5.00 -16.71 16.71
C LYS A 578 5.31 -15.39 16.01
N TYR A 579 5.48 -15.39 14.69
CA TYR A 579 5.70 -14.13 13.99
C TYR A 579 4.40 -13.32 13.98
N HIS A 580 3.27 -13.99 13.75
CA HIS A 580 1.94 -13.36 13.89
C HIS A 580 1.77 -12.76 15.30
N LEU A 581 2.14 -13.52 16.33
CA LEU A 581 2.02 -13.00 17.69
C LEU A 581 2.88 -11.76 17.92
N THR A 582 4.12 -11.78 17.44
CA THR A 582 5.01 -10.62 17.53
C THR A 582 4.40 -9.41 16.83
N VAL A 583 3.85 -9.63 15.64
CA VAL A 583 3.17 -8.53 14.92
C VAL A 583 1.95 -8.02 15.69
N ALA A 584 1.18 -8.92 16.31
CA ALA A 584 0.05 -8.51 17.15
C ALA A 584 0.52 -7.65 18.32
N GLN A 585 1.63 -8.06 18.93
CA GLN A 585 2.23 -7.25 20.01
C GLN A 585 2.69 -5.87 19.57
N VAL A 586 3.25 -5.79 18.37
CA VAL A 586 3.70 -4.47 17.87
C VAL A 586 2.50 -3.61 17.53
N ARG A 587 1.59 -4.12 16.71
CA ARG A 587 0.44 -3.30 16.31
C ARG A 587 -0.42 -2.96 17.51
N GLY A 588 -0.71 -3.97 18.33
CA GLY A 588 -1.53 -3.79 19.52
C GLY A 588 -0.90 -2.89 20.57
N GLY A 589 0.40 -3.08 20.80
CA GLY A 589 1.16 -2.26 21.72
C GLY A 589 1.20 -0.80 21.29
N MET A 590 1.35 -0.55 19.99
CA MET A 590 1.30 0.82 19.48
C MET A 590 -0.05 1.44 19.78
N VAL A 591 -1.12 0.71 19.44
CA VAL A 591 -2.48 1.17 19.74
C VAL A 591 -2.68 1.45 21.23
N PHE A 592 -2.23 0.51 22.09
CA PHE A 592 -2.34 0.65 23.53
C PHE A 592 -1.68 1.95 24.01
N GLU A 593 -0.44 2.20 23.58
CA GLU A 593 0.29 3.40 24.02
C GLU A 593 -0.37 4.67 23.48
N LEU A 594 -0.75 4.66 22.20
CA LEU A 594 -1.42 5.83 21.63
C LEU A 594 -2.73 6.15 22.34
N ALA A 595 -3.46 5.11 22.77
CA ALA A 595 -4.77 5.32 23.36
C ALA A 595 -4.68 5.55 24.86
N ASN A 596 -3.55 5.19 25.48
CA ASN A 596 -3.48 5.23 26.94
C ASN A 596 -2.47 6.13 27.59
N SER A 597 -1.42 6.49 26.85
CA SER A 597 -0.37 7.35 27.42
C SER A 597 -0.95 8.71 27.76
N ILE A 598 -0.57 9.23 28.92
CA ILE A 598 -1.09 10.55 29.31
C ILE A 598 -0.72 11.63 28.32
N VAL A 599 0.57 11.70 27.99
CA VAL A 599 1.03 12.58 26.93
C VAL A 599 1.12 11.73 25.68
N LEU A 600 0.57 12.22 24.56
CA LEU A 600 0.66 11.42 23.31
C LEU A 600 2.12 11.05 23.00
N PRO A 601 2.36 9.78 22.57
CA PRO A 601 3.73 9.26 22.44
C PRO A 601 4.35 9.62 21.07
N PHE A 602 4.38 10.92 20.79
CA PHE A 602 4.93 11.46 19.54
C PHE A 602 6.13 12.33 19.90
N ASP A 603 7.21 12.21 19.15
CA ASP A 603 8.36 13.08 19.38
C ASP A 603 8.59 13.99 18.16
N CYS A 604 8.17 15.25 18.29
CA CYS A 604 8.32 16.17 17.17
C CYS A 604 9.76 16.35 16.71
N ARG A 605 10.75 16.13 17.58
CA ARG A 605 12.15 16.30 17.18
C ARG A 605 12.56 15.30 16.10
N ASP A 606 11.89 14.16 16.06
CA ASP A 606 12.19 13.17 15.04
C ASP A 606 11.75 13.69 13.66
N TYR A 607 10.70 14.51 13.62
CA TYR A 607 10.28 15.09 12.34
C TYR A 607 11.37 16.08 11.90
N ALA A 608 11.93 16.84 12.85
CA ALA A 608 12.93 17.83 12.48
C ALA A 608 14.15 17.17 11.79
N VAL A 609 14.60 16.04 12.35
CA VAL A 609 15.72 15.31 11.79
C VAL A 609 15.44 14.88 10.35
N VAL A 610 14.27 14.28 10.11
CA VAL A 610 13.98 13.78 8.75
C VAL A 610 13.77 14.93 7.77
N LEU A 611 13.19 16.03 8.24
CA LEU A 611 12.96 17.16 7.34
C LEU A 611 14.30 17.66 6.81
N ARG A 612 15.35 17.67 7.66
CA ARG A 612 16.65 18.11 7.18
C ARG A 612 17.21 17.12 6.15
N LYS A 613 17.07 15.82 6.41
CA LYS A 613 17.47 14.79 5.45
C LYS A 613 16.78 15.00 4.09
N TYR A 614 15.47 15.21 4.12
CA TYR A 614 14.69 15.39 2.89
C TYR A 614 15.08 16.68 2.18
N ALA A 615 15.37 17.74 2.94
CA ALA A 615 15.77 18.99 2.30
C ALA A 615 17.14 18.81 1.61
N ASP A 616 18.07 18.16 2.30
CA ASP A 616 19.38 17.88 1.68
C ASP A 616 19.18 17.08 0.37
N LYS A 617 18.27 16.10 0.41
CA LYS A 617 18.06 15.21 -0.71
C LYS A 617 17.50 15.98 -1.91
N ILE A 618 16.49 16.81 -1.68
CA ILE A 618 15.87 17.52 -2.80
C ILE A 618 16.83 18.62 -3.34
N TYR A 619 17.58 19.25 -2.45
CA TYR A 619 18.58 20.21 -2.89
C TYR A 619 19.62 19.50 -3.81
N SER A 620 20.05 18.30 -3.41
CA SER A 620 21.06 17.57 -4.19
C SER A 620 20.53 17.21 -5.58
N ILE A 621 19.23 16.90 -5.69
CA ILE A 621 18.63 16.64 -7.00
C ILE A 621 18.70 17.90 -7.86
N SER A 622 18.30 19.03 -7.28
CA SER A 622 18.29 20.28 -8.02
C SER A 622 19.70 20.66 -8.48
N MET A 623 20.67 20.39 -7.61
CA MET A 623 22.08 20.77 -7.88
C MET A 623 22.76 19.97 -8.99
N LYS A 624 22.06 18.99 -9.56
N LYS A 624 22.03 18.98 -9.54
CA LYS A 624 22.54 18.38 -10.81
CA LYS A 624 22.38 18.34 -10.82
C LYS A 624 22.39 19.37 -11.98
C LYS A 624 22.37 19.36 -11.97
N HIS A 625 21.70 20.49 -11.73
CA HIS A 625 21.47 21.52 -12.76
C HIS A 625 21.96 22.92 -12.33
N PRO A 626 23.27 23.04 -12.03
CA PRO A 626 23.76 24.31 -11.46
C PRO A 626 23.57 25.50 -12.39
N GLN A 627 23.72 25.32 -13.70
CA GLN A 627 23.55 26.44 -14.63
C GLN A 627 22.13 27.00 -14.56
N GLU A 628 21.15 26.11 -14.59
CA GLU A 628 19.77 26.56 -14.49
C GLU A 628 19.46 27.19 -13.14
N MET A 629 20.04 26.68 -12.06
CA MET A 629 19.78 27.30 -10.75
C MET A 629 20.36 28.72 -10.73
N LYS A 630 21.48 28.94 -11.41
CA LYS A 630 22.05 30.31 -11.52
C LYS A 630 21.15 31.22 -12.36
N THR A 631 20.77 30.71 -13.54
CA THR A 631 19.96 31.47 -14.50
C THR A 631 18.63 31.92 -13.93
N TYR A 632 17.95 31.00 -13.25
CA TYR A 632 16.61 31.24 -12.76
C TYR A 632 16.56 31.60 -11.28
N SER A 633 17.74 31.82 -10.67
CA SER A 633 17.84 32.23 -9.27
C SER A 633 17.05 31.27 -8.37
N VAL A 634 17.34 29.98 -8.54
CA VAL A 634 16.63 28.94 -7.78
C VAL A 634 17.35 28.74 -6.44
N SER A 635 16.72 29.19 -5.34
CA SER A 635 17.34 29.08 -4.01
C SER A 635 16.53 28.18 -3.10
N PHE A 636 17.22 27.32 -2.37
CA PHE A 636 16.57 26.52 -1.34
C PHE A 636 16.70 27.15 0.05
N ASP A 637 17.21 28.37 0.10
CA ASP A 637 17.47 29.05 1.40
C ASP A 637 16.22 29.08 2.27
N SER A 638 15.05 29.38 1.68
CA SER A 638 13.83 29.42 2.48
C SER A 638 13.47 28.09 3.10
N LEU A 639 13.65 27.00 2.36
CA LEU A 639 13.32 25.70 2.89
C LEU A 639 14.27 25.30 4.04
N PHE A 640 15.57 25.52 3.86
CA PHE A 640 16.51 25.24 4.95
C PHE A 640 16.23 26.10 6.17
N SER A 641 15.88 27.37 5.95
CA SER A 641 15.51 28.25 7.05
C SER A 641 14.32 27.69 7.82
N ALA A 642 13.29 27.28 7.10
CA ALA A 642 12.09 26.72 7.74
C ALA A 642 12.43 25.46 8.55
N VAL A 643 13.29 24.61 7.99
CA VAL A 643 13.68 23.35 8.67
C VAL A 643 14.49 23.69 9.93
N LYS A 644 15.38 24.67 9.84
CA LYS A 644 16.16 25.13 11.01
C LYS A 644 15.19 25.64 12.08
N ASN A 645 14.21 26.45 11.66
CA ASN A 645 13.20 26.97 12.60
C ASN A 645 12.37 25.86 13.25
N PHE A 646 11.96 24.87 12.45
CA PHE A 646 11.20 23.74 12.96
C PHE A 646 12.05 23.02 14.03
N THR A 647 13.33 22.86 13.72
CA THR A 647 14.26 22.15 14.64
C THR A 647 14.32 22.88 15.98
N GLU A 648 14.50 24.21 15.91
CA GLU A 648 14.59 25.05 17.11
C GLU A 648 13.29 25.04 17.92
N ILE A 649 12.17 25.23 17.24
CA ILE A 649 10.88 25.29 17.91
C ILE A 649 10.49 23.94 18.51
N ALA A 650 10.75 22.87 17.77
CA ALA A 650 10.45 21.53 18.27
C ALA A 650 11.27 21.25 19.54
N SER A 651 12.53 21.68 19.54
CA SER A 651 13.39 21.48 20.71
C SER A 651 12.79 22.20 21.93
N LYS A 652 12.35 23.44 21.73
CA LYS A 652 11.72 24.19 22.82
C LYS A 652 10.39 23.60 23.28
N PHE A 653 9.57 23.13 22.33
CA PHE A 653 8.33 22.46 22.68
C PHE A 653 8.61 21.20 23.54
N SER A 654 9.61 20.42 23.17
CA SER A 654 9.98 19.20 23.90
C SER A 654 10.36 19.53 25.35
N GLU A 655 11.06 20.64 25.53
CA GLU A 655 11.44 21.10 26.89
C GLU A 655 10.17 21.40 27.70
N ARG A 656 9.23 22.14 27.10
CA ARG A 656 7.99 22.46 27.81
C ARG A 656 7.17 21.22 28.12
N LEU A 657 7.19 20.24 27.22
CA LEU A 657 6.42 19.01 27.36
C LEU A 657 6.90 18.22 28.58
N GLN A 658 8.18 18.31 28.84
CA GLN A 658 8.67 17.55 29.97
C GLN A 658 8.66 18.36 31.25
N ASP A 659 8.61 19.69 31.13
CA ASP A 659 8.65 20.67 32.24
C ASP A 659 7.30 21.17 32.77
N PHE A 660 6.20 20.84 32.09
CA PHE A 660 4.89 21.36 32.54
C PHE A 660 4.27 20.52 33.65
N SER A 663 0.39 18.68 36.77
N SER A 663 -1.56 16.93 35.70
CA SER A 663 -0.90 18.87 37.41
CA SER A 663 -2.81 16.93 36.52
C SER A 663 -2.01 19.48 36.53
C SER A 663 -3.76 18.07 36.27
N ASN A 664 -1.65 20.13 35.43
N ASN A 664 -3.35 18.98 35.42
CA ASN A 664 -2.62 20.92 34.69
CA ASN A 664 -4.20 20.09 35.05
C ASN A 664 -3.13 20.23 33.44
C ASN A 664 -4.88 19.69 33.74
N PRO A 665 -4.41 19.82 33.46
N PRO A 665 -6.14 19.24 33.81
CA PRO A 665 -4.93 19.01 32.35
CA PRO A 665 -6.82 18.70 32.62
C PRO A 665 -5.19 19.85 31.10
C PRO A 665 -6.74 19.58 31.36
N ILE A 666 -5.39 21.17 31.24
N ILE A 666 -6.96 20.89 31.48
CA ILE A 666 -5.57 22.04 30.07
CA ILE A 666 -6.96 21.74 30.27
C ILE A 666 -4.24 22.25 29.35
C ILE A 666 -5.54 22.03 29.77
N VAL A 667 -3.17 22.48 30.11
N VAL A 667 -4.58 22.16 30.68
CA VAL A 667 -1.84 22.58 29.51
CA VAL A 667 -3.19 22.33 30.20
C VAL A 667 -1.46 21.26 28.84
C VAL A 667 -2.71 21.08 29.45
N LEU A 668 -1.77 20.16 29.53
N LEU A 668 -3.06 19.90 29.95
CA LEU A 668 -1.54 18.81 28.99
CA LEU A 668 -2.69 18.64 29.30
C LEU A 668 -2.26 18.67 27.67
C LEU A 668 -3.39 18.57 27.96
N ARG A 669 -3.58 18.93 27.66
N ARG A 669 -4.63 19.04 27.92
CA ARG A 669 -4.42 18.67 26.50
CA ARG A 669 -5.31 19.04 26.63
C ARG A 669 -4.09 19.69 25.45
C ARG A 669 -4.62 19.86 25.52
N MET A 670 -3.90 20.95 25.86
CA MET A 670 -3.32 21.91 24.89
C MET A 670 -2.07 21.32 24.25
N MET A 671 -1.19 20.72 25.04
CA MET A 671 0.02 20.17 24.46
C MET A 671 -0.27 18.91 23.66
N ASN A 672 -1.22 18.11 24.13
CA ASN A 672 -1.64 16.90 23.37
C ASN A 672 -2.27 17.33 22.03
N ASP A 673 -3.04 18.42 22.05
CA ASP A 673 -3.62 18.93 20.78
C ASP A 673 -2.49 19.42 19.85
N GLN A 674 -1.48 20.08 20.39
CA GLN A 674 -0.33 20.46 19.56
C GLN A 674 0.36 19.24 18.95
N LEU A 675 0.52 18.17 19.74
CA LEU A 675 1.07 16.93 19.19
C LEU A 675 0.20 16.29 18.13
N MET A 676 -1.11 16.28 18.41
CA MET A 676 -2.07 15.64 17.47
C MET A 676 -2.16 16.41 16.15
N PHE A 677 -2.18 17.73 16.25
CA PHE A 677 -2.35 18.57 15.03
C PHE A 677 -1.04 18.83 14.29
N LEU A 678 0.08 18.30 14.78
CA LEU A 678 1.36 18.51 14.10
C LEU A 678 1.39 17.78 12.74
N GLU A 679 1.03 16.50 12.71
CA GLU A 679 0.90 15.83 11.41
C GLU A 679 -0.11 16.61 10.53
N ARG A 680 -1.17 17.09 11.15
CA ARG A 680 -2.25 17.78 10.41
C ARG A 680 -1.70 19.05 9.73
N ALA A 681 -0.68 19.66 10.35
CA ALA A 681 -0.17 20.91 9.81
C ALA A 681 0.53 20.76 8.49
N PHE A 682 0.91 19.53 8.14
CA PHE A 682 1.61 19.34 6.86
C PHE A 682 0.65 19.24 5.70
N ILE A 683 -0.65 19.27 5.99
CA ILE A 683 -1.69 19.22 4.95
C ILE A 683 -1.83 20.59 4.27
N ASP A 684 -1.83 20.61 2.94
CA ASP A 684 -2.17 21.82 2.15
C ASP A 684 -3.57 21.62 1.58
N PRO A 685 -4.52 22.48 1.93
CA PRO A 685 -5.90 22.25 1.51
C PRO A 685 -6.05 22.38 -0.03
N LEU A 686 -5.02 22.88 -0.72
CA LEU A 686 -5.10 22.94 -2.20
C LEU A 686 -4.56 21.67 -2.89
N GLY A 687 -3.97 20.76 -2.11
CA GLY A 687 -3.45 19.49 -2.62
C GLY A 687 -2.18 19.70 -3.43
N LEU A 688 -1.64 18.60 -3.95
CA LEU A 688 -0.51 18.66 -4.87
C LEU A 688 -1.02 18.81 -6.31
N PRO A 689 -0.16 19.29 -7.23
CA PRO A 689 -0.62 19.55 -8.60
C PRO A 689 -1.32 18.37 -9.25
N ASP A 690 -2.57 18.60 -9.66
CA ASP A 690 -3.41 17.61 -10.34
C ASP A 690 -3.69 16.36 -9.51
N ARG A 691 -3.37 16.39 -8.21
CA ARG A 691 -3.65 15.28 -7.29
C ARG A 691 -4.26 15.86 -6.00
N PRO A 692 -5.53 16.27 -6.08
CA PRO A 692 -6.15 17.02 -4.99
C PRO A 692 -6.32 16.24 -3.69
N PHE A 693 -6.28 14.92 -3.76
CA PHE A 693 -6.39 14.07 -2.56
C PHE A 693 -5.07 13.66 -1.94
N TYR A 694 -3.97 14.10 -2.54
CA TYR A 694 -2.65 13.99 -1.90
C TYR A 694 -2.33 15.36 -1.41
N ARG A 695 -2.56 15.58 -0.11
N ARG A 695 -2.59 15.58 -0.11
CA ARG A 695 -2.48 16.94 0.45
CA ARG A 695 -2.54 16.91 0.46
C ARG A 695 -1.29 17.15 1.36
C ARG A 695 -1.36 17.13 1.41
N HIS A 696 -0.66 16.05 1.76
CA HIS A 696 0.48 16.14 2.67
C HIS A 696 1.69 16.68 1.86
N VAL A 697 2.34 17.73 2.35
CA VAL A 697 3.38 18.41 1.56
C VAL A 697 4.72 17.68 1.76
N ILE A 698 4.86 16.91 2.83
CA ILE A 698 6.15 16.22 3.02
C ILE A 698 6.18 14.86 2.32
N TYR A 699 5.07 14.15 2.35
CA TYR A 699 4.99 12.78 1.81
C TYR A 699 3.83 12.63 0.82
N ALA A 700 4.12 12.06 -0.36
CA ALA A 700 3.04 11.56 -1.22
C ALA A 700 3.49 10.27 -1.86
N PRO A 701 2.54 9.44 -2.30
CA PRO A 701 2.96 8.29 -3.10
C PRO A 701 3.69 8.76 -4.34
N SER A 702 4.77 8.06 -4.71
CA SER A 702 5.51 8.45 -5.89
C SER A 702 4.61 8.50 -7.13
N SER A 703 4.74 9.56 -7.92
CA SER A 703 3.97 9.68 -9.18
C SER A 703 4.35 8.57 -10.19
N HIS A 704 5.44 7.88 -9.95
CA HIS A 704 5.91 6.78 -10.81
C HIS A 704 5.64 5.41 -10.25
N ASN A 705 5.19 5.36 -9.00
CA ASN A 705 5.02 4.08 -8.31
C ASN A 705 4.27 4.32 -7.01
N LYS A 706 2.96 4.06 -7.05
CA LYS A 706 2.09 4.29 -5.89
C LYS A 706 2.59 3.63 -4.60
N TYR A 707 3.30 2.52 -4.70
CA TYR A 707 3.74 1.82 -3.48
C TYR A 707 4.82 2.57 -2.71
N ALA A 708 5.63 3.36 -3.41
CA ALA A 708 6.79 4.01 -2.77
C ALA A 708 6.43 5.41 -2.27
N GLY A 709 6.95 5.79 -1.10
CA GLY A 709 6.72 7.20 -0.71
C GLY A 709 7.79 8.10 -1.33
N GLU A 710 7.40 9.33 -1.65
CA GLU A 710 8.35 10.34 -2.12
C GLU A 710 8.34 11.46 -1.07
N SER A 711 9.50 12.00 -0.73
CA SER A 711 9.54 13.17 0.16
C SER A 711 9.58 14.47 -0.65
N PHE A 712 9.04 15.56 -0.07
CA PHE A 712 8.85 16.85 -0.79
C PHE A 712 8.40 16.58 -2.25
N PRO A 713 7.29 15.84 -2.39
CA PRO A 713 6.82 15.38 -3.70
C PRO A 713 6.56 16.51 -4.66
N GLY A 714 6.08 17.65 -4.16
CA GLY A 714 5.80 18.75 -5.08
C GLY A 714 7.07 19.22 -5.77
N ILE A 715 8.15 19.40 -4.98
CA ILE A 715 9.44 19.81 -5.59
C ILE A 715 10.00 18.68 -6.41
N TYR A 716 9.90 17.45 -5.91
CA TYR A 716 10.46 16.31 -6.64
C TYR A 716 9.85 16.22 -8.05
N ASP A 717 8.52 16.26 -8.14
CA ASP A 717 7.88 16.14 -9.46
C ASP A 717 8.20 17.35 -10.34
N ALA A 718 8.33 18.53 -9.75
CA ALA A 718 8.73 19.71 -10.56
C ALA A 718 10.13 19.54 -11.16
N LEU A 719 11.03 18.85 -10.44
CA LEU A 719 12.41 18.64 -10.93
C LEU A 719 12.57 17.42 -11.85
N PHE A 720 11.60 16.52 -11.82
CA PHE A 720 11.76 15.25 -12.51
C PHE A 720 11.84 15.45 -14.02
N ASP A 721 12.90 14.91 -14.61
CA ASP A 721 13.11 14.98 -16.06
C ASP A 721 13.02 16.43 -16.57
N ILE A 722 13.44 17.39 -15.75
CA ILE A 722 13.27 18.80 -16.09
C ILE A 722 14.09 19.20 -17.33
N GLU A 723 15.22 18.52 -17.55
CA GLU A 723 16.10 18.82 -18.69
C GLU A 723 15.40 18.55 -20.03
N SER A 724 14.29 17.82 -19.99
CA SER A 724 13.51 17.50 -21.19
C SER A 724 12.37 18.47 -21.48
N LYS A 725 12.11 19.38 -20.56
N LYS A 725 12.10 19.38 -20.54
CA LYS A 725 11.00 20.32 -20.70
CA LYS A 725 11.01 20.33 -20.70
C LYS A 725 11.31 21.44 -21.69
C LYS A 725 11.33 21.37 -21.75
N VAL A 726 10.33 21.71 -22.55
CA VAL A 726 10.49 22.62 -23.69
C VAL A 726 10.72 24.09 -23.29
N ASP A 727 10.09 24.49 -22.19
CA ASP A 727 10.16 25.86 -21.67
C ASP A 727 10.83 25.84 -20.28
N PRO A 728 12.17 25.91 -20.24
CA PRO A 728 12.87 25.81 -18.95
C PRO A 728 12.53 26.94 -17.97
N SER A 729 12.26 28.14 -18.48
CA SER A 729 11.88 29.23 -17.60
C SER A 729 10.61 28.89 -16.82
N LYS A 730 9.60 28.36 -17.52
CA LYS A 730 8.38 27.94 -16.88
C LYS A 730 8.63 26.76 -15.91
N ALA A 731 9.43 25.79 -16.34
CA ALA A 731 9.68 24.58 -15.54
C ALA A 731 10.41 24.97 -14.23
N TRP A 732 11.44 25.81 -14.33
CA TRP A 732 12.17 26.23 -13.12
C TRP A 732 11.33 27.18 -12.25
N GLY A 733 10.45 27.95 -12.88
CA GLY A 733 9.48 28.78 -12.12
C GLY A 733 8.64 27.90 -11.21
N GLU A 734 8.22 26.75 -11.74
CA GLU A 734 7.36 25.84 -10.97
C GLU A 734 8.18 25.16 -9.87
N VAL A 735 9.45 24.86 -10.14
CA VAL A 735 10.34 24.38 -9.07
C VAL A 735 10.35 25.42 -7.93
N LYS A 736 10.55 26.70 -8.28
N LYS A 736 10.55 26.69 -8.29
CA LYS A 736 10.59 27.74 -7.23
CA LYS A 736 10.59 27.78 -7.29
C LYS A 736 9.27 27.83 -6.49
C LYS A 736 9.28 27.95 -6.53
N ARG A 737 8.16 27.74 -7.23
CA ARG A 737 6.87 27.76 -6.57
C ARG A 737 6.75 26.63 -5.54
N GLN A 738 7.21 25.44 -5.90
CA GLN A 738 7.11 24.30 -4.98
C GLN A 738 8.06 24.44 -3.79
N ILE A 739 9.22 25.09 -4.01
CA ILE A 739 10.10 25.39 -2.87
C ILE A 739 9.38 26.31 -1.86
N TYR A 740 8.75 27.36 -2.38
CA TYR A 740 7.97 28.32 -1.55
C TYR A 740 6.87 27.60 -0.80
N VAL A 741 6.09 26.76 -1.49
CA VAL A 741 5.01 26.04 -0.80
C VAL A 741 5.56 25.14 0.33
N ALA A 742 6.66 24.43 0.04
CA ALA A 742 7.24 23.52 1.04
C ALA A 742 7.83 24.30 2.22
N ALA A 743 8.56 25.39 1.93
CA ALA A 743 9.16 26.20 3.04
C ALA A 743 8.04 26.78 3.91
N PHE A 744 7.00 27.31 3.26
CA PHE A 744 5.89 27.90 4.01
C PHE A 744 5.24 26.84 4.89
N THR A 745 5.01 25.66 4.32
CA THR A 745 4.30 24.60 5.07
C THR A 745 5.12 24.14 6.27
N VAL A 746 6.43 23.98 6.06
CA VAL A 746 7.32 23.55 7.19
C VAL A 746 7.31 24.61 8.29
N GLN A 747 7.44 25.88 7.91
CA GLN A 747 7.37 26.98 8.91
C GLN A 747 6.01 27.00 9.63
N ALA A 748 4.94 26.83 8.87
CA ALA A 748 3.61 26.90 9.46
C ALA A 748 3.44 25.73 10.44
N ALA A 749 3.93 24.56 10.06
CA ALA A 749 3.85 23.39 10.98
C ALA A 749 4.68 23.70 12.24
N ALA A 750 5.89 24.24 12.03
CA ALA A 750 6.73 24.62 13.20
C ALA A 750 5.95 25.53 14.14
N GLU A 751 5.26 26.51 13.58
CA GLU A 751 4.60 27.53 14.40
C GLU A 751 3.44 26.98 15.20
N THR A 752 2.90 25.82 14.79
CA THR A 752 1.87 25.17 15.62
C THR A 752 2.43 24.65 16.96
N LEU A 753 3.76 24.53 17.03
CA LEU A 753 4.42 24.08 18.27
C LEU A 753 4.95 25.23 19.12
N SER A 754 4.90 26.45 18.58
CA SER A 754 5.23 27.64 19.40
C SER A 754 4.24 27.79 20.57
N GLU A 755 4.63 28.55 21.59
CA GLU A 755 3.66 28.94 22.60
C GLU A 755 2.40 29.53 21.94
N VAL A 756 1.24 29.14 22.45
CA VAL A 756 -0.03 29.43 21.75
C VAL A 756 -0.46 30.90 21.84
N ALA A 757 0.09 31.62 22.83
CA ALA A 757 -0.26 33.03 23.10
C ALA A 757 0.72 33.58 24.11
C1 NAG B . -15.90 -19.24 11.67
C2 NAG B . -16.72 -20.40 11.13
C3 NAG B . -18.21 -20.16 11.39
C4 NAG B . -18.53 -19.73 12.82
C5 NAG B . -17.55 -18.63 13.26
C6 NAG B . -17.69 -18.24 14.73
C7 NAG B . -15.73 -21.55 9.24
C8 NAG B . -15.53 -21.58 7.76
N2 NAG B . -16.47 -20.53 9.71
O3 NAG B . -18.87 -21.37 11.10
O4 NAG B . -19.84 -19.20 12.83
O5 NAG B . -16.22 -19.04 13.03
O6 NAG B . -17.55 -19.41 15.51
O7 NAG B . -15.23 -22.41 9.96
C1 NAG B . -20.67 -19.85 13.80
C2 NAG B . -21.86 -18.92 14.12
C3 NAG B . -22.91 -19.60 15.00
C4 NAG B . -23.21 -21.05 14.57
C5 NAG B . -21.90 -21.82 14.30
C6 NAG B . -22.14 -23.23 13.77
C7 NAG B . -21.27 -16.47 14.18
C8 NAG B . -21.53 -16.37 12.71
N2 NAG B . -21.43 -17.67 14.76
O3 NAG B . -24.07 -18.80 14.93
O4 NAG B . -24.01 -21.73 15.55
O5 NAG B . -21.15 -21.10 13.32
O6 NAG B . -22.59 -23.14 12.42
O7 NAG B . -20.91 -15.45 14.79
C1 NAG C . -8.55 -20.96 -28.48
C2 NAG C . -8.52 -22.25 -29.28
C3 NAG C . -9.43 -22.13 -30.50
C4 NAG C . -10.81 -21.56 -30.18
C5 NAG C . -10.76 -20.36 -29.20
C6 NAG C . -12.12 -19.95 -28.64
C7 NAG C . -6.47 -23.53 -29.13
C8 NAG C . -5.09 -23.82 -29.66
N2 NAG C . -7.18 -22.58 -29.73
O3 NAG C . -9.54 -23.41 -31.11
O4 NAG C . -11.37 -21.15 -31.41
O5 NAG C . -9.88 -20.62 -28.13
O6 NAG C . -12.76 -21.03 -27.96
O7 NAG C . -6.90 -24.17 -28.17
C1 NAG C . -12.72 -21.66 -31.59
C2 NAG C . -13.42 -20.72 -32.57
C3 NAG C . -14.82 -21.22 -32.94
C4 NAG C . -14.78 -22.71 -33.31
C5 NAG C . -14.07 -23.51 -32.21
C6 NAG C . -14.00 -25.01 -32.48
C7 NAG C . -12.59 -18.42 -32.42
C8 NAG C . -12.77 -17.06 -31.80
N2 NAG C . -13.48 -19.36 -32.06
O3 NAG C . -15.31 -20.49 -34.04
O4 NAG C . -16.10 -23.17 -33.57
O5 NAG C . -12.74 -23.01 -32.02
O6 NAG C . -12.92 -25.29 -33.34
O7 NAG C . -11.67 -18.62 -33.22
C1 NAG D . 11.10 6.49 24.84
C2 NAG D . 10.16 7.65 25.13
C3 NAG D . 10.98 8.83 25.62
C4 NAG D . 11.86 8.42 26.79
C5 NAG D . 12.71 7.20 26.43
C6 NAG D . 13.56 6.67 27.60
C7 NAG D . 8.14 7.99 23.86
C8 NAG D . 7.48 8.41 22.59
N2 NAG D . 9.46 8.03 23.91
O3 NAG D . 10.11 9.88 26.00
O4 NAG D . 12.72 9.50 27.03
O5 NAG D . 11.86 6.16 25.99
O6 NAG D . 12.76 6.39 28.73
O7 NAG D . 7.46 7.65 24.83
C1 NAG D . 12.69 9.87 28.42
C2 NAG D . 13.86 10.85 28.59
C3 NAG D . 13.92 11.38 30.02
C4 NAG D . 12.55 11.95 30.44
C5 NAG D . 11.44 10.93 30.14
C6 NAG D . 10.08 11.52 30.49
C7 NAG D . 15.80 10.38 27.16
C8 NAG D . 15.33 11.42 26.19
N2 NAG D . 15.09 10.14 28.26
O3 NAG D . 14.93 12.37 30.12
O4 NAG D . 12.58 12.20 31.83
O5 NAG D . 11.49 10.54 28.76
O6 NAG D . 9.82 12.65 29.67
O7 NAG D . 16.82 9.73 26.91
C1 NAG E . 12.75 31.36 10.49
C2 NAG E . 11.97 32.04 9.36
C3 NAG E . 12.48 33.46 9.16
C4 NAG E . 12.45 34.23 10.48
C5 NAG E . 13.16 33.45 11.56
C6 NAG E . 12.97 34.20 12.87
C7 NAG E . 10.93 31.04 7.42
C8 NAG E . 11.12 30.25 6.18
N2 NAG E . 12.01 31.27 8.15
O3 NAG E . 11.63 34.08 8.25
O4 NAG E . 13.14 35.47 10.41
O5 NAG E . 12.63 32.14 11.65
O6 NAG E . 13.89 33.77 13.85
O7 NAG E . 9.87 31.44 7.70
C1 NAG E . 12.37 36.46 9.75
C2 NAG E . 12.47 37.78 10.48
C3 NAG E . 11.91 38.92 9.65
C4 NAG E . 12.50 38.92 8.25
C5 NAG E . 12.23 37.54 7.66
C6 NAG E . 12.77 37.42 6.27
C7 NAG E . 12.36 37.66 12.91
C8 NAG E . 13.85 37.70 12.98
N2 NAG E . 11.77 37.74 11.73
O3 NAG E . 12.12 40.16 10.32
O4 NAG E . 11.85 39.86 7.41
O5 NAG E . 12.88 36.58 8.47
O6 NAG E . 14.12 37.77 6.40
O7 NAG E . 11.70 37.56 13.91
C1 BMA E . 12.40 41.17 7.50
C2 BMA E . 12.39 41.75 6.10
C3 BMA E . 12.80 43.20 6.08
C4 BMA E . 11.98 43.95 7.10
C5 BMA E . 12.04 43.28 8.47
C6 BMA E . 11.20 43.94 9.55
O2 BMA E . 11.07 41.69 5.59
O3 BMA E . 12.53 43.65 4.76
O4 BMA E . 12.46 45.28 7.15
O5 BMA E . 11.61 41.94 8.35
O6 BMA E . 11.27 43.19 10.74
C1 MAN E . 13.58 44.45 4.23
C2 MAN E . 13.03 45.25 3.06
C3 MAN E . 12.76 44.35 1.87
C4 MAN E . 13.97 43.49 1.54
C5 MAN E . 14.44 42.78 2.80
C6 MAN E . 15.58 41.82 2.56
O2 MAN E . 14.05 46.12 2.68
O3 MAN E . 12.45 45.14 0.74
O4 MAN E . 13.61 42.53 0.56
O5 MAN E . 14.73 43.73 3.78
O6 MAN E . 16.74 42.48 2.08
ZN ZN F . -3.86 -7.19 -1.85
ZN ZN G . -4.22 -6.41 1.34
CA CA H . -16.39 8.82 -2.63
CL CL I . 0.04 -3.24 6.93
C1 NAG J . -21.55 -11.75 -20.43
C2 NAG J . -22.57 -10.64 -20.49
C3 NAG J . -23.91 -11.03 -21.13
C4 NAG J . -23.75 -12.00 -22.31
C5 NAG J . -22.74 -13.11 -21.93
C6 NAG J . -22.66 -14.26 -22.95
C7 NAG J . -22.47 -8.89 -18.81
C8 NAG J . -21.98 -7.97 -19.90
N2 NAG J . -22.75 -10.15 -19.15
O3 NAG J . -24.52 -9.84 -21.57
O4 NAG J . -25.01 -12.56 -22.68
O5 NAG J . -21.47 -12.51 -21.61
O6 NAG J . -21.63 -14.14 -23.93
O7 NAG J . -22.61 -8.46 -17.67
C1 NAG K . 4.37 6.38 -33.52
C2 NAG K . 4.71 7.84 -33.83
C3 NAG K . 3.41 8.62 -34.03
C4 NAG K . 2.67 8.05 -35.24
C5 NAG K . 2.41 6.55 -35.11
C6 NAG K . 2.19 6.01 -36.52
C7 NAG K . 6.84 8.59 -32.81
C8 NAG K . 7.46 9.27 -31.63
N2 NAG K . 5.51 8.46 -32.77
O3 NAG K . 3.71 9.98 -34.27
O4 NAG K . 1.45 8.75 -35.43
O5 NAG K . 3.49 5.82 -34.50
O6 NAG K . 1.50 4.78 -36.52
O7 NAG K . 7.56 8.20 -33.74
C1 NAG L . 11.68 -19.40 7.05
C2 NAG L . 11.73 -19.20 5.52
C3 NAG L . 12.76 -20.12 4.81
C4 NAG L . 14.11 -20.16 5.53
C5 NAG L . 13.94 -20.29 7.05
C6 NAG L . 15.28 -20.19 7.77
C7 NAG L . 9.82 -18.30 4.31
C8 NAG L . 8.45 -18.48 3.74
N2 NAG L . 10.38 -19.32 4.97
O3 NAG L . 13.02 -19.63 3.50
O4 NAG L . 14.99 -21.20 5.02
O5 NAG L . 13.01 -19.31 7.57
O6 NAG L . 15.89 -18.93 7.55
O7 NAG L . 10.40 -17.25 4.11
O4 28Z M . 9.28 -6.72 -0.01
C4 28Z M . 10.06 -5.85 0.70
C4A 28Z M . 10.37 -4.55 0.25
N3 28Z M . 10.55 -6.26 1.87
C8A 28Z M . 11.17 -3.75 1.09
N5 28Z M . 9.93 -4.02 -0.93
C2 28Z M . 11.31 -5.46 2.65
N8 28Z M . 11.50 -2.49 0.74
N1 28Z M . 11.62 -4.22 2.26
C6 28Z M . 10.27 -2.75 -1.26
N2 28Z M . 11.76 -5.93 3.80
C7 28Z M . 11.07 -1.99 -0.41
C9 28Z M . 9.85 -2.06 -2.58
N10 28Z M . 8.68 -2.64 -3.26
CBH 28Z M . 7.44 -2.60 -2.73
CAL 28Z M . 7.18 -1.87 -1.56
CAK 28Z M . 6.42 -3.31 -3.36
CAN 28Z M . 5.93 -1.86 -0.99
CAM 28Z M . 5.14 -3.31 -2.79
CBI 28Z M . 4.90 -2.58 -1.62
CBF 28Z M . 3.55 -2.53 -0.97
OAF 28Z M . 3.35 -1.80 0.01
NBA 28Z M . 2.60 -3.36 -1.42
CBO 28Z M . 1.27 -3.29 -0.79
CBD 28Z M . 1.34 -3.76 0.63
OAI 28Z M . 0.73 -3.04 1.43
CAS 28Z M . 0.26 -4.18 -1.55
CAQ 28Z M . -1.09 -4.28 -0.87
CBE 28Z M . -2.10 -4.47 -2.00
OAE 28Z M . -2.20 -5.55 -2.60
OAD 28Z M . 2.01 -4.81 0.88
N 28Z M . -2.88 -3.44 -2.32
CA 28Z M . -3.74 -3.56 -3.51
C 28Z M . -2.81 -3.78 -4.73
OXT 28Z M . -1.63 -3.34 -4.68
CB 28Z M . -4.57 -2.27 -3.70
CG 28Z M . -3.65 -1.05 -3.89
CD 28Z M . -4.40 0.22 -4.35
OE1 28Z M . -5.42 0.12 -5.09
OE2 28Z M . -3.92 1.32 -3.98
O 28Z M . -3.32 -4.38 -5.71
#